data_6EHJ
#
_entry.id   6EHJ
#
_cell.length_a   80.250
_cell.length_b   177.540
_cell.length_c   58.140
_cell.angle_alpha   90.000
_cell.angle_beta   90.000
_cell.angle_gamma   90.000
#
_symmetry.space_group_name_H-M   'P 21 21 2'
#
loop_
_entity.id
_entity.type
_entity.pdbx_description
1 polymer 'Glycylpeptide N-tetradecanoyltransferase 1'
2 non-polymer GLYCEROL
3 non-polymer TETRADECANOYL-COA
4 non-polymer GLYCINE
5 non-polymer SERINE
6 non-polymer ASPARAGINE
7 non-polymer LYSINE
8 non-polymer PROLINE
9 non-polymer 'MYRISTIC ACID'
10 non-polymer 'COENZYME A'
11 water water
#
_entity_poly.entity_id   1
_entity_poly.type   'polypeptide(L)'
_entity_poly.pdbx_seq_one_letter_code
;GPHMEEASKRSYQFWDTQPVPKLGEVVNTHGPVEPDKDNIRQEPYTLPQGFTWDALDLGDRGVLKELYTLLNENYVEDDD
NMFRFDYSPEFLLWALRPPGWLPQWHCGVRVVSSRKLVGFISAIPANIHIYDTEKKMVEINFLCVHKKLRSKRVAPVLIR
EITRRVHLEGIFQAVYTAGVVLPKPVGTCRYWHRSLNPRKLIEVKFSHLSRNMTMQRTMKLYRLPETPKTAGLRPMETKD
IPVVHQLLTRYLKQFHLTPVMSQEEVEHWFYPQENIIDTFVVENANGEVTDFLSFYTLPSTIMNHPTHKSLKAAYSFYNV
HTQTPLLDLMSDALVLAKMKGFDVFNALDLMENKTFLEKLKFGIGDGNLQYYLYNWKCPSMGAEKVGLVLQ
;
_entity_poly.pdbx_strand_id   A,B
#
loop_
_chem_comp.id
_chem_comp.type
_chem_comp.name
_chem_comp.formula
COA non-polymer 'COENZYME A' 'C21 H36 N7 O16 P3 S'
GOL non-polymer GLYCEROL 'C3 H8 O3'
MYA non-polymer TETRADECANOYL-COA 'C35 H62 N7 O17 P3 S'
MYR non-polymer 'MYRISTIC ACID' 'C14 H28 O2'
#
# COMPACT_ATOMS: atom_id res chain seq x y z
N ARG A 10 6.14 -3.91 0.12
CA ARG A 10 6.23 -5.18 0.84
C ARG A 10 6.67 -6.30 -0.10
N SER A 11 7.28 -7.34 0.47
CA SER A 11 7.78 -8.49 -0.28
C SER A 11 7.03 -9.75 0.15
N TYR A 12 6.35 -10.41 -0.79
CA TYR A 12 5.61 -11.65 -0.53
C TYR A 12 6.26 -12.78 -1.33
N GLN A 13 7.24 -13.44 -0.71
CA GLN A 13 8.01 -14.49 -1.39
C GLN A 13 7.08 -15.51 -2.03
N PHE A 14 6.11 -16.02 -1.26
CA PHE A 14 5.21 -17.06 -1.76
C PHE A 14 4.09 -16.51 -2.64
N TRP A 15 3.33 -15.54 -2.12
CA TRP A 15 2.11 -15.11 -2.81
C TRP A 15 2.40 -14.44 -4.16
N ASP A 16 3.59 -13.86 -4.36
CA ASP A 16 3.94 -13.30 -5.67
C ASP A 16 4.03 -14.36 -6.76
N THR A 17 4.14 -15.62 -6.38
CA THR A 17 4.17 -16.72 -7.34
C THR A 17 2.79 -17.32 -7.58
N GLN A 18 1.76 -16.80 -6.95
CA GLN A 18 0.45 -17.43 -6.98
C GLN A 18 -0.48 -16.70 -7.93
N PRO A 19 -1.54 -17.35 -8.40
CA PRO A 19 -2.50 -16.68 -9.28
C PRO A 19 -3.49 -15.81 -8.51
N VAL A 20 -2.94 -14.74 -7.94
CA VAL A 20 -3.70 -13.73 -7.18
C VAL A 20 -3.22 -12.35 -7.59
N PRO A 21 -4.11 -11.37 -7.57
CA PRO A 21 -3.70 -10.02 -7.93
C PRO A 21 -2.66 -9.48 -6.95
N LYS A 22 -1.86 -8.54 -7.43
CA LYS A 22 -0.91 -7.89 -6.55
C LYS A 22 -1.61 -6.89 -5.64
N LEU A 23 -1.07 -6.74 -4.42
CA LEU A 23 -1.53 -5.65 -3.56
C LEU A 23 -1.29 -4.33 -4.27
N GLY A 24 -2.27 -3.46 -4.24
CA GLY A 24 -2.13 -2.16 -4.84
C GLY A 24 -2.55 -2.07 -6.29
N GLU A 25 -2.60 -3.19 -7.01
CA GLU A 25 -3.19 -3.15 -8.34
C GLU A 25 -4.70 -3.04 -8.19
N VAL A 26 -5.28 -2.06 -8.86
CA VAL A 26 -6.73 -1.95 -8.87
C VAL A 26 -7.25 -2.92 -9.92
N VAL A 27 -8.31 -3.63 -9.59
CA VAL A 27 -8.88 -4.65 -10.46
C VAL A 27 -10.21 -4.13 -10.97
N ASN A 28 -10.36 -4.08 -12.30
CA ASN A 28 -11.61 -3.72 -12.93
C ASN A 28 -12.13 -4.83 -13.84
N THR A 29 -11.47 -5.97 -13.87
CA THR A 29 -11.88 -7.12 -14.67
C THR A 29 -12.55 -8.18 -13.79
N HIS A 30 -13.05 -9.24 -14.44
CA HIS A 30 -13.72 -10.34 -13.75
C HIS A 30 -13.33 -11.65 -14.39
N GLY A 31 -12.65 -12.53 -13.66
CA GLY A 31 -12.28 -13.81 -14.23
C GLY A 31 -11.03 -14.43 -13.65
N PRO A 32 -10.69 -15.62 -14.13
CA PRO A 32 -9.52 -16.34 -13.60
C PRO A 32 -8.21 -15.63 -13.91
N VAL A 33 -7.21 -15.88 -13.07
CA VAL A 33 -5.88 -15.38 -13.35
C VAL A 33 -5.15 -16.29 -14.33
N GLU A 34 -5.29 -17.60 -14.18
CA GLU A 34 -4.68 -18.58 -15.07
C GLU A 34 -5.72 -19.60 -15.51
N PRO A 35 -5.45 -20.33 -16.61
CA PRO A 35 -6.45 -21.28 -17.10
C PRO A 35 -6.57 -22.53 -16.22
N ASP A 36 -7.73 -23.18 -16.32
CA ASP A 36 -7.89 -24.54 -15.81
C ASP A 36 -6.74 -25.41 -16.30
N LYS A 37 -6.20 -26.26 -15.43
CA LYS A 37 -5.04 -27.07 -15.80
C LYS A 37 -5.51 -28.42 -16.37
N ASP A 38 -5.04 -28.77 -17.56
CA ASP A 38 -5.45 -30.04 -18.13
C ASP A 38 -4.40 -31.13 -17.92
N ASN A 39 -3.34 -30.85 -17.16
CA ASN A 39 -2.55 -31.93 -16.58
C ASN A 39 -1.95 -31.44 -15.28
N ILE A 40 -2.00 -32.32 -14.28
CA ILE A 40 -1.76 -31.96 -12.89
C ILE A 40 -0.66 -32.86 -12.35
N ARG A 41 0.31 -32.25 -11.67
CA ARG A 41 1.34 -32.95 -10.91
C ARG A 41 0.73 -34.10 -10.13
N GLN A 42 1.18 -35.33 -10.40
CA GLN A 42 0.66 -36.51 -9.71
C GLN A 42 1.32 -36.75 -8.37
N GLU A 43 2.51 -36.22 -8.17
CA GLU A 43 3.31 -36.54 -7.00
C GLU A 43 3.15 -35.46 -5.95
N PRO A 44 2.97 -35.84 -4.70
CA PRO A 44 2.91 -34.82 -3.64
C PRO A 44 4.19 -33.99 -3.61
N TYR A 45 4.05 -32.73 -3.19
CA TYR A 45 5.19 -31.86 -3.00
C TYR A 45 6.07 -32.37 -1.87
N THR A 46 7.38 -32.18 -2.03
CA THR A 46 8.37 -32.64 -1.07
C THR A 46 8.24 -31.89 0.25
N LEU A 47 8.11 -32.63 1.35
CA LEU A 47 8.15 -32.03 2.67
C LEU A 47 9.59 -31.95 3.15
N PRO A 48 9.86 -31.19 4.23
CA PRO A 48 11.20 -31.26 4.82
C PRO A 48 11.51 -32.68 5.26
N GLN A 49 12.79 -33.00 5.33
CA GLN A 49 13.17 -34.37 5.65
C GLN A 49 12.59 -34.74 7.01
N GLY A 50 12.05 -35.95 7.10
CA GLY A 50 11.51 -36.43 8.35
C GLY A 50 10.06 -36.08 8.59
N PHE A 51 9.36 -35.56 7.58
CA PHE A 51 7.94 -35.30 7.67
C PHE A 51 7.26 -35.93 6.47
N THR A 52 5.99 -36.32 6.63
CA THR A 52 5.29 -36.98 5.54
C THR A 52 3.83 -36.54 5.50
N TRP A 53 3.23 -36.66 4.31
CA TRP A 53 1.81 -36.39 4.14
C TRP A 53 0.97 -37.52 4.72
N ASP A 54 -0.20 -37.16 5.23
CA ASP A 54 -1.20 -38.14 5.66
C ASP A 54 -2.57 -37.49 5.54
N ALA A 55 -3.49 -38.16 4.85
CA ALA A 55 -4.88 -37.75 4.82
C ALA A 55 -5.59 -38.27 6.08
N LEU A 56 -6.20 -37.39 6.83
CA LEU A 56 -6.75 -37.74 8.13
C LEU A 56 -8.19 -38.25 7.97
N ASP A 57 -8.43 -39.50 8.37
CA ASP A 57 -9.79 -40.05 8.43
C ASP A 57 -10.45 -39.57 9.72
N LEU A 58 -11.19 -38.46 9.64
CA LEU A 58 -11.80 -37.91 10.84
C LEU A 58 -12.92 -38.78 11.40
N GLY A 59 -13.39 -39.77 10.64
CA GLY A 59 -14.25 -40.80 11.17
C GLY A 59 -13.54 -41.74 12.13
N ASP A 60 -12.23 -41.64 12.25
CA ASP A 60 -11.49 -42.31 13.30
C ASP A 60 -11.42 -41.39 14.50
N ARG A 61 -12.04 -41.80 15.61
CA ARG A 61 -12.10 -40.93 16.79
C ARG A 61 -10.70 -40.59 17.28
N GLY A 62 -9.77 -41.54 17.21
CA GLY A 62 -8.41 -41.25 17.66
C GLY A 62 -7.70 -40.24 16.78
N VAL A 63 -7.92 -40.31 15.47
CA VAL A 63 -7.31 -39.37 14.53
C VAL A 63 -7.95 -37.99 14.66
N LEU A 64 -9.28 -37.94 14.82
CA LEU A 64 -9.96 -36.66 15.08
C LEU A 64 -9.40 -36.02 16.36
N LYS A 65 -9.15 -36.84 17.39
CA LYS A 65 -8.60 -36.30 18.62
C LYS A 65 -7.20 -35.74 18.42
N GLU A 66 -6.40 -36.32 17.53
CA GLU A 66 -5.10 -35.73 17.21
C GLU A 66 -5.27 -34.35 16.60
N LEU A 67 -6.21 -34.21 15.68
CA LEU A 67 -6.40 -32.93 15.02
C LEU A 67 -6.87 -31.85 15.99
N TYR A 68 -7.87 -32.13 16.82
CA TYR A 68 -8.28 -31.03 17.69
C TYR A 68 -7.21 -30.75 18.74
N THR A 69 -6.44 -31.75 19.14
CA THR A 69 -5.26 -31.47 19.97
C THR A 69 -4.26 -30.59 19.25
N LEU A 70 -3.96 -30.90 17.98
CA LEU A 70 -3.09 -30.02 17.20
C LEU A 70 -3.68 -28.61 17.13
N LEU A 71 -4.99 -28.50 16.86
CA LEU A 71 -5.61 -27.19 16.71
C LEU A 71 -5.73 -26.48 18.04
N ASN A 72 -6.25 -27.16 19.07
CA ASN A 72 -6.37 -26.53 20.39
C ASN A 72 -5.03 -25.99 20.90
N GLU A 73 -3.90 -26.58 20.49
CA GLU A 73 -2.61 -26.16 21.03
C GLU A 73 -1.80 -25.28 20.09
N ASN A 74 -2.11 -25.27 18.79
CA ASN A 74 -1.29 -24.52 17.85
C ASN A 74 -2.05 -23.58 16.91
N TYR A 75 -3.38 -23.48 17.03
CA TYR A 75 -4.16 -22.67 16.10
C TYR A 75 -4.22 -21.22 16.59
N VAL A 76 -5.17 -20.43 16.07
CA VAL A 76 -5.18 -18.97 16.25
C VAL A 76 -5.24 -18.55 17.72
N ASP A 80 -2.50 -11.09 21.31
CA ASP A 80 -2.05 -10.81 22.68
C ASP A 80 -1.89 -12.09 23.49
N ASN A 81 -2.14 -13.23 22.85
CA ASN A 81 -1.81 -14.55 23.39
C ASN A 81 -2.49 -14.81 24.73
N MET A 82 -3.76 -14.45 24.84
CA MET A 82 -4.55 -14.72 26.04
C MET A 82 -5.62 -15.78 25.82
N PHE A 83 -6.21 -15.84 24.62
CA PHE A 83 -7.33 -16.72 24.33
C PHE A 83 -7.08 -17.50 23.05
N ARG A 84 -7.23 -18.83 23.14
CA ARG A 84 -7.08 -19.73 22.00
C ARG A 84 -8.40 -20.45 21.76
N PHE A 85 -8.84 -20.48 20.49
CA PHE A 85 -9.94 -21.34 20.07
C PHE A 85 -9.80 -22.73 20.67
N ASP A 86 -10.92 -23.25 21.19
CA ASP A 86 -11.04 -24.60 21.72
C ASP A 86 -12.03 -25.35 20.85
N TYR A 87 -11.58 -25.77 19.69
CA TYR A 87 -12.41 -26.55 18.77
C TYR A 87 -12.71 -27.91 19.38
N SER A 88 -13.97 -28.34 19.30
CA SER A 88 -14.36 -29.66 19.75
C SER A 88 -14.38 -30.67 18.61
N PRO A 89 -14.24 -31.97 18.92
CA PRO A 89 -14.37 -32.99 17.86
C PRO A 89 -15.64 -32.86 17.05
N GLU A 90 -16.79 -32.70 17.73
CA GLU A 90 -18.05 -32.65 17.03
C GLU A 90 -18.15 -31.39 16.18
N PHE A 91 -17.65 -30.26 16.68
CA PHE A 91 -17.60 -29.07 15.83
C PHE A 91 -16.74 -29.33 14.59
N LEU A 92 -15.62 -29.99 14.76
CA LEU A 92 -14.76 -30.18 13.60
C LEU A 92 -15.42 -31.09 12.57
N LEU A 93 -16.20 -32.08 13.02
CA LEU A 93 -16.92 -32.94 12.07
C LEU A 93 -17.94 -32.15 11.27
N TRP A 94 -18.57 -31.17 11.93
CA TRP A 94 -19.49 -30.27 11.25
C TRP A 94 -18.76 -29.37 10.25
N ALA A 95 -17.67 -28.72 10.68
CA ALA A 95 -16.95 -27.82 9.77
C ALA A 95 -16.32 -28.56 8.60
N LEU A 96 -15.88 -29.81 8.82
CA LEU A 96 -14.99 -30.47 7.88
C LEU A 96 -15.64 -31.60 7.09
N ARG A 97 -16.86 -32.00 7.43
CA ARG A 97 -17.57 -33.02 6.65
C ARG A 97 -18.94 -32.56 6.19
N PRO A 98 -19.02 -31.43 5.48
CA PRO A 98 -20.28 -31.05 4.82
C PRO A 98 -20.46 -31.91 3.57
N PRO A 99 -21.62 -31.83 2.93
CA PRO A 99 -21.80 -32.58 1.67
C PRO A 99 -20.64 -32.37 0.71
N GLY A 100 -20.17 -33.47 0.12
CA GLY A 100 -19.11 -33.41 -0.86
C GLY A 100 -17.72 -33.42 -0.29
N TRP A 101 -17.57 -33.51 1.04
CA TRP A 101 -16.23 -33.56 1.63
C TRP A 101 -15.44 -34.75 1.11
N LEU A 102 -14.12 -34.58 1.03
CA LEU A 102 -13.25 -35.64 0.54
C LEU A 102 -12.15 -35.91 1.57
N PRO A 103 -11.77 -37.18 1.78
CA PRO A 103 -10.74 -37.45 2.80
C PRO A 103 -9.38 -36.91 2.42
N GLN A 104 -9.02 -36.92 1.13
CA GLN A 104 -7.71 -36.40 0.75
C GLN A 104 -7.61 -34.89 0.92
N TRP A 105 -8.75 -34.21 1.10
CA TRP A 105 -8.75 -32.79 1.38
C TRP A 105 -8.64 -32.49 2.87
N HIS A 106 -8.54 -33.51 3.72
CA HIS A 106 -8.13 -33.34 5.13
C HIS A 106 -6.62 -33.61 5.14
N CYS A 107 -5.85 -32.64 4.65
CA CYS A 107 -4.39 -32.78 4.43
C CYS A 107 -3.61 -32.56 5.73
N GLY A 108 -2.96 -33.62 6.21
CA GLY A 108 -2.18 -33.54 7.46
C GLY A 108 -0.72 -33.84 7.23
N VAL A 109 0.12 -33.35 8.13
CA VAL A 109 1.59 -33.58 8.06
C VAL A 109 2.00 -34.26 9.36
N ARG A 110 2.72 -35.39 9.27
CA ARG A 110 3.14 -36.12 10.46
C ARG A 110 4.65 -36.29 10.47
N VAL A 111 5.22 -36.29 11.70
CA VAL A 111 6.60 -36.75 11.89
C VAL A 111 6.71 -38.19 11.43
N VAL A 112 7.68 -38.45 10.55
CA VAL A 112 7.84 -39.80 10.00
C VAL A 112 8.04 -40.83 11.10
N SER A 113 8.96 -40.57 12.03
CA SER A 113 9.35 -41.61 12.98
C SER A 113 8.29 -41.82 14.05
N SER A 114 7.73 -40.73 14.58
CA SER A 114 6.75 -40.80 15.65
C SER A 114 5.30 -40.79 15.18
N ARG A 115 5.04 -40.45 13.92
CA ARG A 115 3.68 -40.32 13.39
C ARG A 115 2.88 -39.21 14.07
N LYS A 116 3.53 -38.34 14.83
CA LYS A 116 2.85 -37.25 15.51
C LYS A 116 2.36 -36.22 14.50
N LEU A 117 1.11 -35.79 14.67
CA LEU A 117 0.50 -34.82 13.77
C LEU A 117 1.07 -33.43 14.03
N VAL A 118 1.71 -32.82 13.04
CA VAL A 118 2.34 -31.52 13.22
C VAL A 118 1.92 -30.47 12.21
N GLY A 119 1.04 -30.81 11.26
CA GLY A 119 0.45 -29.77 10.44
C GLY A 119 -0.84 -30.23 9.82
N PHE A 120 -1.61 -29.27 9.30
CA PHE A 120 -2.91 -29.59 8.73
C PHE A 120 -3.38 -28.43 7.86
N ILE A 121 -4.16 -28.77 6.83
CA ILE A 121 -4.93 -27.82 6.05
C ILE A 121 -6.10 -28.58 5.45
N SER A 122 -7.21 -27.89 5.22
CA SER A 122 -8.41 -28.56 4.75
C SER A 122 -9.08 -27.77 3.62
N ALA A 123 -9.74 -28.51 2.75
CA ALA A 123 -10.62 -27.91 1.75
C ALA A 123 -11.96 -28.62 1.83
N ILE A 124 -13.04 -27.85 1.72
CA ILE A 124 -14.38 -28.38 1.51
C ILE A 124 -15.00 -27.73 0.27
N PRO A 125 -15.88 -28.43 -0.44
CA PRO A 125 -16.42 -27.85 -1.67
C PRO A 125 -17.57 -26.90 -1.37
N ALA A 126 -17.62 -25.80 -2.12
CA ALA A 126 -18.75 -24.88 -2.03
C ALA A 126 -19.01 -24.31 -3.42
N ASN A 127 -20.27 -24.13 -3.75
CA ASN A 127 -20.66 -23.31 -4.89
C ASN A 127 -20.69 -21.85 -4.44
N ILE A 128 -19.94 -21.00 -5.12
CA ILE A 128 -19.72 -19.63 -4.69
C ILE A 128 -20.27 -18.70 -5.76
N HIS A 129 -21.04 -17.72 -5.33
CA HIS A 129 -21.49 -16.64 -6.20
C HIS A 129 -20.62 -15.42 -5.94
N ILE A 130 -19.90 -14.98 -6.97
CA ILE A 130 -19.05 -13.82 -6.88
C ILE A 130 -19.46 -12.88 -8.02
N TYR A 131 -20.04 -11.72 -7.66
CA TYR A 131 -20.61 -10.78 -8.64
C TYR A 131 -21.56 -11.51 -9.59
N ASP A 132 -21.28 -11.49 -10.89
CA ASP A 132 -22.21 -12.10 -11.83
C ASP A 132 -21.84 -13.53 -12.20
N THR A 133 -20.95 -14.17 -11.43
CA THR A 133 -20.52 -15.53 -11.72
C THR A 133 -20.83 -16.47 -10.56
N GLU A 134 -21.28 -17.67 -10.89
CA GLU A 134 -21.36 -18.77 -9.94
C GLU A 134 -20.34 -19.83 -10.34
N LYS A 135 -19.45 -20.20 -9.41
CA LYS A 135 -18.36 -21.11 -9.70
C LYS A 135 -18.23 -22.14 -8.58
N LYS A 136 -18.02 -23.41 -8.95
CA LYS A 136 -17.60 -24.41 -7.97
C LYS A 136 -16.19 -24.07 -7.48
N MET A 137 -16.04 -23.87 -6.17
CA MET A 137 -14.77 -23.58 -5.52
C MET A 137 -14.57 -24.55 -4.36
N VAL A 138 -13.47 -24.35 -3.65
CA VAL A 138 -13.32 -24.91 -2.31
C VAL A 138 -13.15 -23.77 -1.33
N GLU A 139 -13.44 -24.07 -0.07
CA GLU A 139 -13.12 -23.19 1.03
C GLU A 139 -11.98 -23.83 1.80
N ILE A 140 -10.97 -23.02 2.09
CA ILE A 140 -9.78 -23.50 2.78
C ILE A 140 -9.88 -23.04 4.23
N ASN A 141 -9.60 -23.95 5.16
CA ASN A 141 -9.72 -23.63 6.57
C ASN A 141 -8.70 -24.44 7.38
N PHE A 142 -8.44 -23.99 8.60
CA PHE A 142 -7.65 -24.74 9.58
C PHE A 142 -6.20 -24.97 9.15
N LEU A 143 -5.62 -24.04 8.40
CA LEU A 143 -4.19 -24.09 8.15
C LEU A 143 -3.45 -23.95 9.45
N CYS A 144 -2.72 -25.00 9.83
CA CYS A 144 -2.09 -25.06 11.14
C CYS A 144 -0.75 -25.77 11.06
N VAL A 145 0.28 -25.13 11.60
CA VAL A 145 1.61 -25.71 11.70
C VAL A 145 2.02 -25.67 13.17
N HIS A 146 2.39 -26.82 13.72
CA HIS A 146 2.91 -26.92 15.08
C HIS A 146 3.91 -25.81 15.35
N LYS A 147 3.80 -25.22 16.56
CA LYS A 147 4.66 -24.11 16.95
C LYS A 147 6.14 -24.43 16.79
N LYS A 148 6.54 -25.71 16.93
CA LYS A 148 7.94 -26.06 16.79
C LYS A 148 8.43 -25.97 15.36
N LEU A 149 7.55 -26.17 14.38
CA LEU A 149 7.91 -26.16 12.97
C LEU A 149 7.79 -24.78 12.33
N ARG A 150 7.39 -23.77 13.07
CA ARG A 150 7.09 -22.47 12.48
C ARG A 150 8.31 -21.88 11.79
N SER A 151 8.04 -20.91 10.91
CA SER A 151 9.05 -20.26 10.08
C SER A 151 10.07 -21.24 9.52
N LYS A 152 9.59 -22.40 9.03
CA LYS A 152 10.41 -23.37 8.31
C LYS A 152 9.78 -23.67 6.95
N ARG A 153 9.00 -22.73 6.41
CA ARG A 153 8.44 -22.82 5.08
C ARG A 153 7.49 -24.01 4.90
N VAL A 154 6.90 -24.51 5.98
CA VAL A 154 5.95 -25.61 5.82
C VAL A 154 4.56 -25.11 5.36
N ALA A 155 4.15 -23.91 5.76
CA ALA A 155 2.86 -23.41 5.33
C ALA A 155 2.74 -23.30 3.81
N PRO A 156 3.72 -22.76 3.08
CA PRO A 156 3.58 -22.75 1.62
C PRO A 156 3.49 -24.14 1.03
N VAL A 157 4.19 -25.11 1.60
CA VAL A 157 4.08 -26.48 1.08
C VAL A 157 2.67 -27.00 1.28
N LEU A 158 2.07 -26.72 2.44
CA LEU A 158 0.70 -27.11 2.68
C LEU A 158 -0.25 -26.42 1.69
N ILE A 159 -0.03 -25.13 1.41
CA ILE A 159 -0.92 -24.47 0.47
C ILE A 159 -0.77 -25.07 -0.92
N ARG A 160 0.47 -25.34 -1.34
CA ARG A 160 0.69 -25.95 -2.66
C ARG A 160 0.10 -27.35 -2.75
N GLU A 161 0.25 -28.14 -1.69
CA GLU A 161 -0.26 -29.52 -1.72
C GLU A 161 -1.79 -29.55 -1.73
N ILE A 162 -2.46 -28.69 -0.94
CA ILE A 162 -3.94 -28.70 -1.01
C ILE A 162 -4.39 -28.17 -2.36
N THR A 163 -3.65 -27.22 -2.94
CA THR A 163 -3.98 -26.73 -4.26
C THR A 163 -3.92 -27.86 -5.27
N ARG A 164 -2.82 -28.63 -5.22
CA ARG A 164 -2.65 -29.79 -6.09
C ARG A 164 -3.81 -30.76 -5.96
N ARG A 165 -4.14 -31.12 -4.71
CA ARG A 165 -5.20 -32.08 -4.46
C ARG A 165 -6.55 -31.57 -4.95
N VAL A 166 -6.75 -30.24 -4.92
CA VAL A 166 -8.02 -29.68 -5.39
C VAL A 166 -8.04 -29.62 -6.92
N HIS A 167 -6.89 -29.30 -7.54
CA HIS A 167 -6.80 -29.37 -8.99
C HIS A 167 -7.12 -30.77 -9.50
N LEU A 168 -6.68 -31.80 -8.77
CA LEU A 168 -6.92 -33.18 -9.21
C LEU A 168 -8.40 -33.47 -9.33
N GLU A 169 -9.23 -32.76 -8.57
CA GLU A 169 -10.67 -32.95 -8.63
C GLU A 169 -11.33 -31.96 -9.59
N GLY A 170 -10.55 -31.23 -10.38
CA GLY A 170 -11.12 -30.36 -11.39
C GLY A 170 -11.63 -29.02 -10.88
N ILE A 171 -11.16 -28.57 -9.73
CA ILE A 171 -11.57 -27.30 -9.14
C ILE A 171 -10.37 -26.36 -9.16
N PHE A 172 -10.59 -25.12 -9.60
CA PHE A 172 -9.50 -24.19 -9.87
C PHE A 172 -9.66 -22.84 -9.18
N GLN A 173 -10.65 -22.66 -8.32
CA GLN A 173 -10.81 -21.45 -7.54
C GLN A 173 -11.08 -21.80 -6.07
N ALA A 174 -10.65 -20.92 -5.17
CA ALA A 174 -10.89 -21.12 -3.74
C ALA A 174 -11.28 -19.80 -3.09
N VAL A 175 -12.00 -19.90 -1.95
CA VAL A 175 -12.21 -18.76 -1.06
C VAL A 175 -11.61 -19.10 0.31
N TYR A 176 -11.08 -18.09 0.99
CA TYR A 176 -10.41 -18.28 2.28
C TYR A 176 -10.29 -16.93 2.96
N THR A 177 -10.05 -16.96 4.26
CA THR A 177 -9.93 -15.73 5.03
C THR A 177 -8.64 -15.74 5.83
N ALA A 178 -8.25 -14.57 6.32
CA ALA A 178 -7.09 -14.49 7.19
C ALA A 178 -7.12 -13.20 7.98
N GLY A 179 -6.51 -13.23 9.17
CA GLY A 179 -6.33 -12.01 9.94
C GLY A 179 -5.29 -11.08 9.37
N VAL A 180 -4.33 -11.59 8.61
CA VAL A 180 -3.25 -10.77 8.06
C VAL A 180 -3.60 -10.36 6.63
N VAL A 181 -2.95 -9.30 6.17
CA VAL A 181 -3.17 -8.79 4.81
C VAL A 181 -2.21 -9.50 3.85
N LEU A 182 -2.77 -10.12 2.82
CA LEU A 182 -2.02 -10.82 1.79
C LEU A 182 -2.45 -10.29 0.43
N PRO A 183 -1.72 -10.62 -0.63
CA PRO A 183 -2.23 -10.35 -1.98
C PRO A 183 -3.37 -11.32 -2.30
N LYS A 184 -4.60 -10.81 -2.51
CA LYS A 184 -5.08 -9.43 -2.28
C LYS A 184 -6.56 -9.49 -1.82
N PRO A 185 -6.91 -8.77 -0.75
CA PRO A 185 -8.25 -8.92 -0.16
C PRO A 185 -9.36 -8.51 -1.12
N VAL A 186 -10.33 -9.41 -1.31
CA VAL A 186 -11.54 -9.01 -2.02
C VAL A 186 -12.45 -8.20 -1.10
N GLY A 187 -12.29 -8.35 0.21
CA GLY A 187 -13.12 -7.63 1.17
C GLY A 187 -12.47 -7.67 2.53
N THR A 188 -12.72 -6.65 3.33
CA THR A 188 -12.22 -6.56 4.69
C THR A 188 -13.37 -6.40 5.67
N CYS A 189 -13.42 -7.28 6.67
CA CYS A 189 -14.43 -7.21 7.71
C CYS A 189 -13.75 -7.05 9.06
N ARG A 190 -14.54 -6.61 10.02
CA ARG A 190 -14.06 -6.41 11.38
C ARG A 190 -14.94 -7.18 12.33
N TYR A 191 -14.35 -7.75 13.37
CA TYR A 191 -15.12 -8.43 14.39
C TYR A 191 -15.70 -7.43 15.39
N TRP A 192 -16.94 -7.68 15.80
CA TRP A 192 -17.56 -6.95 16.91
C TRP A 192 -18.03 -7.93 17.98
N HIS A 193 -18.11 -7.44 19.21
CA HIS A 193 -18.41 -8.27 20.36
C HIS A 193 -19.54 -7.67 21.18
N ARG A 194 -20.46 -8.52 21.62
CA ARG A 194 -21.59 -8.11 22.48
C ARG A 194 -21.48 -8.90 23.79
N SER A 195 -21.01 -8.24 24.86
CA SER A 195 -20.94 -8.88 26.17
C SER A 195 -22.32 -9.38 26.58
N LEU A 196 -22.38 -10.59 27.10
CA LEU A 196 -23.60 -11.17 27.64
C LEU A 196 -23.47 -11.48 29.11
N ASN A 197 -22.29 -11.89 29.55
CA ASN A 197 -21.95 -12.06 30.95
C ASN A 197 -20.78 -11.10 31.19
N PRO A 198 -21.06 -9.83 31.51
CA PRO A 198 -19.98 -8.84 31.61
C PRO A 198 -19.04 -9.11 32.78
N ARG A 199 -19.54 -9.69 33.86
CA ARG A 199 -18.69 -10.03 34.99
C ARG A 199 -17.54 -10.94 34.57
N LYS A 200 -17.88 -12.07 33.93
CA LYS A 200 -16.87 -13.06 33.59
C LYS A 200 -15.85 -12.51 32.59
N LEU A 201 -16.31 -11.73 31.61
CA LEU A 201 -15.38 -11.26 30.58
C LEU A 201 -14.34 -10.31 31.16
N ILE A 202 -14.78 -9.43 32.08
CA ILE A 202 -13.84 -8.52 32.74
C ILE A 202 -12.88 -9.30 33.63
N GLU A 203 -13.37 -10.33 34.32
CA GLU A 203 -12.52 -11.09 35.25
C GLU A 203 -11.36 -11.75 34.53
N VAL A 204 -11.62 -12.38 33.37
CA VAL A 204 -10.56 -13.09 32.66
C VAL A 204 -9.93 -12.19 31.62
N LYS A 205 -10.24 -10.88 31.70
CA LYS A 205 -9.54 -9.82 30.98
C LYS A 205 -9.83 -9.81 29.48
N PHE A 206 -10.94 -10.40 29.06
CA PHE A 206 -11.37 -10.31 27.66
C PHE A 206 -11.96 -8.93 27.35
N SER A 207 -12.62 -8.31 28.32
CA SER A 207 -13.12 -6.93 28.22
C SER A 207 -12.63 -6.17 29.45
N HIS A 208 -12.62 -4.83 29.37
CA HIS A 208 -12.20 -4.01 30.51
C HIS A 208 -13.25 -2.94 30.82
N LEU A 209 -13.13 -2.36 32.02
CA LEU A 209 -14.07 -1.34 32.47
C LEU A 209 -13.85 -0.01 31.75
N SER A 210 -14.92 0.78 31.66
CA SER A 210 -14.86 2.07 31.00
C SER A 210 -15.22 3.20 31.97
N MET A 213 -16.82 4.25 34.76
CA MET A 213 -18.03 3.44 34.80
C MET A 213 -17.89 2.21 35.73
N THR A 214 -18.80 2.10 36.69
CA THR A 214 -18.72 1.06 37.71
C THR A 214 -19.02 -0.31 37.12
N MET A 215 -18.73 -1.35 37.92
CA MET A 215 -19.11 -2.71 37.54
C MET A 215 -20.63 -2.87 37.55
N GLN A 216 -21.30 -2.25 38.52
CA GLN A 216 -22.75 -2.32 38.59
C GLN A 216 -23.38 -1.67 37.37
N ARG A 217 -22.86 -0.50 36.96
CA ARG A 217 -23.39 0.17 35.77
C ARG A 217 -23.25 -0.71 34.54
N THR A 218 -22.17 -1.49 34.47
CA THR A 218 -21.90 -2.29 33.27
C THR A 218 -22.88 -3.46 33.15
N MET A 219 -23.12 -4.16 34.26
CA MET A 219 -24.06 -5.29 34.22
C MET A 219 -25.48 -4.83 33.88
N LYS A 220 -25.88 -3.65 34.36
CA LYS A 220 -27.18 -3.14 33.96
C LYS A 220 -27.18 -2.75 32.49
N LEU A 221 -26.10 -2.09 32.04
CA LEU A 221 -26.00 -1.67 30.65
C LEU A 221 -26.21 -2.85 29.69
N TYR A 222 -25.70 -4.03 30.05
CA TYR A 222 -25.74 -5.19 29.15
C TYR A 222 -26.86 -6.16 29.46
N ARG A 223 -27.66 -5.91 30.50
CA ARG A 223 -28.73 -6.84 30.86
C ARG A 223 -29.71 -7.01 29.71
N LEU A 224 -30.19 -8.22 29.54
CA LEU A 224 -31.15 -8.54 28.50
C LEU A 224 -32.44 -9.09 29.10
N PRO A 225 -33.55 -9.03 28.35
CA PRO A 225 -34.74 -9.82 28.71
C PRO A 225 -34.43 -11.28 28.97
N GLU A 226 -35.31 -11.98 29.70
CA GLU A 226 -35.15 -13.42 29.88
C GLU A 226 -35.73 -14.24 28.74
N THR A 227 -36.65 -13.69 27.96
CA THR A 227 -37.25 -14.41 26.84
C THR A 227 -37.33 -13.50 25.62
N PRO A 228 -37.18 -14.05 24.42
CA PRO A 228 -37.25 -13.22 23.20
C PRO A 228 -38.59 -12.55 23.05
N LYS A 229 -38.60 -11.45 22.29
CA LYS A 229 -39.83 -10.70 22.07
C LYS A 229 -40.58 -11.08 20.81
N THR A 230 -39.94 -11.77 19.86
CA THR A 230 -40.60 -12.05 18.59
C THR A 230 -41.58 -13.21 18.76
N ALA A 231 -42.82 -12.93 18.38
CA ALA A 231 -43.87 -13.96 18.30
C ALA A 231 -43.48 -15.05 17.32
N GLY A 232 -43.62 -16.29 17.74
CA GLY A 232 -43.46 -17.38 16.81
C GLY A 232 -42.05 -17.89 16.67
N LEU A 233 -41.11 -17.38 17.46
CA LEU A 233 -39.75 -17.89 17.46
C LEU A 233 -39.71 -19.29 18.04
N ARG A 234 -38.95 -20.18 17.40
CA ARG A 234 -38.81 -21.55 17.85
C ARG A 234 -37.60 -22.18 17.18
N PRO A 235 -37.06 -23.27 17.74
CA PRO A 235 -35.95 -23.95 17.09
C PRO A 235 -36.32 -24.44 15.69
N MET A 236 -35.37 -24.36 14.78
CA MET A 236 -35.51 -24.99 13.48
C MET A 236 -35.77 -26.49 13.63
N GLU A 237 -36.64 -27.02 12.78
CA GLU A 237 -36.99 -28.43 12.75
C GLU A 237 -36.78 -28.95 11.34
N THR A 238 -36.81 -30.28 11.21
CA THR A 238 -36.58 -30.91 9.92
C THR A 238 -37.53 -30.37 8.86
N LYS A 239 -38.78 -30.09 9.24
CA LYS A 239 -39.76 -29.60 8.28
C LYS A 239 -39.42 -28.21 7.79
N ASP A 240 -38.58 -27.47 8.52
CA ASP A 240 -38.21 -26.13 8.08
C ASP A 240 -37.06 -26.11 7.07
N ILE A 241 -36.46 -27.25 6.79
CA ILE A 241 -35.30 -27.26 5.90
C ILE A 241 -35.61 -26.65 4.54
N PRO A 242 -36.71 -27.00 3.86
CA PRO A 242 -36.99 -26.36 2.57
C PRO A 242 -37.14 -24.85 2.66
N VAL A 243 -37.98 -24.36 3.58
CA VAL A 243 -38.24 -22.93 3.64
C VAL A 243 -37.01 -22.17 4.10
N VAL A 244 -36.21 -22.77 4.99
CA VAL A 244 -34.96 -22.14 5.39
C VAL A 244 -34.06 -21.97 4.18
N HIS A 245 -34.01 -23.00 3.34
CA HIS A 245 -33.22 -22.96 2.12
C HIS A 245 -33.74 -21.90 1.17
N GLN A 246 -35.07 -21.82 1.03
CA GLN A 246 -35.65 -20.80 0.15
C GLN A 246 -35.38 -19.39 0.68
N LEU A 247 -35.55 -19.17 1.98
CA LEU A 247 -35.33 -17.83 2.53
C LEU A 247 -33.89 -17.39 2.35
N LEU A 248 -32.94 -18.30 2.55
CA LEU A 248 -31.53 -17.97 2.48
C LEU A 248 -31.11 -17.64 1.05
N THR A 249 -31.50 -18.48 0.10
CA THR A 249 -31.14 -18.25 -1.29
C THR A 249 -31.64 -16.89 -1.77
N ARG A 250 -32.89 -16.57 -1.44
CA ARG A 250 -33.42 -15.28 -1.85
C ARG A 250 -32.70 -14.14 -1.17
N TYR A 251 -32.51 -14.24 0.16
CA TYR A 251 -31.87 -13.17 0.92
C TYR A 251 -30.46 -12.87 0.41
N LEU A 252 -29.71 -13.91 0.02
CA LEU A 252 -28.30 -13.74 -0.34
C LEU A 252 -28.09 -13.06 -1.68
N LYS A 253 -29.13 -12.93 -2.50
CA LYS A 253 -28.96 -12.36 -3.83
C LYS A 253 -28.46 -10.92 -3.79
N GLN A 254 -28.72 -10.21 -2.70
CA GLN A 254 -28.36 -8.80 -2.61
C GLN A 254 -26.87 -8.56 -2.39
N PHE A 255 -26.09 -9.59 -2.06
CA PHE A 255 -24.68 -9.40 -1.78
C PHE A 255 -23.85 -9.88 -2.98
N HIS A 256 -22.54 -9.66 -2.92
CA HIS A 256 -21.68 -9.89 -4.08
C HIS A 256 -20.74 -11.08 -3.92
N LEU A 257 -20.54 -11.59 -2.70
CA LEU A 257 -19.79 -12.83 -2.45
C LEU A 257 -20.63 -13.68 -1.50
N THR A 258 -21.19 -14.76 -2.00
CA THR A 258 -22.12 -15.56 -1.21
C THR A 258 -21.99 -17.03 -1.54
N PRO A 259 -22.35 -17.92 -0.62
CA PRO A 259 -22.51 -19.32 -0.97
C PRO A 259 -23.83 -19.56 -1.68
N VAL A 260 -23.81 -20.57 -2.53
CA VAL A 260 -25.01 -21.09 -3.18
C VAL A 260 -25.21 -22.50 -2.63
N MET A 261 -26.13 -22.66 -1.69
CA MET A 261 -26.28 -23.93 -1.00
C MET A 261 -27.38 -24.77 -1.63
N SER A 262 -27.11 -26.08 -1.76
CA SER A 262 -28.16 -27.06 -2.01
C SER A 262 -29.00 -27.23 -0.75
N GLN A 263 -30.12 -27.95 -0.90
CA GLN A 263 -30.96 -28.23 0.26
C GLN A 263 -30.25 -29.12 1.26
N GLU A 264 -29.42 -30.07 0.78
CA GLU A 264 -28.65 -30.90 1.71
C GLU A 264 -27.60 -30.06 2.44
N GLU A 265 -27.04 -29.06 1.77
CA GLU A 265 -26.08 -28.20 2.42
C GLU A 265 -26.75 -27.34 3.48
N VAL A 266 -27.96 -26.85 3.18
CA VAL A 266 -28.70 -26.06 4.15
C VAL A 266 -28.94 -26.87 5.40
N GLU A 267 -29.40 -28.11 5.22
CA GLU A 267 -29.61 -28.98 6.36
C GLU A 267 -28.33 -29.12 7.18
N HIS A 268 -27.21 -29.44 6.51
CA HIS A 268 -25.96 -29.63 7.22
C HIS A 268 -25.58 -28.40 8.02
N TRP A 269 -25.64 -27.23 7.40
CA TRP A 269 -25.12 -26.03 8.06
C TRP A 269 -26.09 -25.41 9.07
N PHE A 270 -27.41 -25.67 8.96
CA PHE A 270 -28.35 -25.00 9.84
C PHE A 270 -29.13 -25.91 10.79
N TYR A 271 -29.27 -27.20 10.49
CA TYR A 271 -30.01 -28.05 11.41
C TYR A 271 -29.33 -28.04 12.78
N PRO A 272 -30.06 -27.80 13.87
CA PRO A 272 -29.40 -27.56 15.16
C PRO A 272 -28.68 -28.79 15.70
N GLN A 273 -27.52 -28.55 16.31
CA GLN A 273 -26.72 -29.59 16.95
C GLN A 273 -26.18 -28.95 18.22
N GLU A 274 -26.48 -29.56 19.38
CA GLU A 274 -26.13 -28.98 20.66
C GLU A 274 -24.64 -28.66 20.73
N ASN A 275 -24.32 -27.44 21.19
CA ASN A 275 -22.94 -26.97 21.34
C ASN A 275 -22.20 -26.83 20.01
N ILE A 276 -22.93 -26.73 18.90
CA ILE A 276 -22.30 -26.57 17.59
C ILE A 276 -23.00 -25.47 16.82
N ILE A 277 -24.27 -25.67 16.49
CA ILE A 277 -24.97 -24.73 15.62
C ILE A 277 -26.40 -24.60 16.13
N ASP A 278 -26.85 -23.36 16.27
CA ASP A 278 -28.21 -23.06 16.72
C ASP A 278 -28.89 -22.26 15.63
N THR A 279 -30.10 -22.67 15.28
CA THR A 279 -30.91 -21.98 14.30
C THR A 279 -32.34 -21.88 14.85
N PHE A 280 -32.90 -20.67 14.85
CA PHE A 280 -34.28 -20.45 15.25
C PHE A 280 -35.04 -19.79 14.12
N VAL A 281 -36.25 -20.27 13.87
CA VAL A 281 -37.10 -19.72 12.82
C VAL A 281 -38.27 -18.98 13.46
N VAL A 282 -38.80 -18.02 12.72
CA VAL A 282 -40.02 -17.31 13.11
C VAL A 282 -41.16 -17.89 12.30
N GLU A 283 -42.08 -18.56 12.98
CA GLU A 283 -43.31 -19.07 12.39
C GLU A 283 -44.48 -18.16 12.81
N ASN A 284 -45.08 -17.46 11.84
CA ASN A 284 -46.04 -16.42 12.16
C ASN A 284 -47.44 -17.00 12.43
N ALA A 285 -48.41 -16.10 12.66
CA ALA A 285 -49.77 -16.48 13.02
C ALA A 285 -50.45 -17.28 11.92
N ASN A 286 -49.94 -17.21 10.70
CA ASN A 286 -50.45 -18.00 9.58
C ASN A 286 -49.75 -19.34 9.44
N GLY A 287 -48.75 -19.62 10.27
CA GLY A 287 -48.03 -20.85 10.11
C GLY A 287 -46.89 -20.82 9.11
N GLU A 288 -46.56 -19.67 8.55
CA GLU A 288 -45.45 -19.59 7.59
C GLU A 288 -44.18 -19.10 8.27
N VAL A 289 -43.07 -19.75 7.96
CA VAL A 289 -41.75 -19.34 8.43
C VAL A 289 -41.28 -18.18 7.56
N THR A 290 -40.99 -17.06 8.20
CA THR A 290 -40.68 -15.84 7.48
C THR A 290 -39.31 -15.28 7.82
N ASP A 291 -38.68 -15.76 8.88
CA ASP A 291 -37.36 -15.29 9.29
C ASP A 291 -36.63 -16.44 9.97
N PHE A 292 -35.30 -16.33 10.02
CA PHE A 292 -34.54 -17.20 10.90
C PHE A 292 -33.26 -16.50 11.33
N LEU A 293 -32.72 -16.96 12.46
CA LEU A 293 -31.47 -16.48 13.02
C LEU A 293 -30.62 -17.70 13.35
N SER A 294 -29.30 -17.51 13.30
CA SER A 294 -28.43 -18.68 13.52
C SER A 294 -27.06 -18.22 14.04
N PHE A 295 -26.50 -19.02 14.95
CA PHE A 295 -25.19 -18.72 15.49
C PHE A 295 -24.50 -20.04 15.83
N TYR A 296 -23.17 -20.09 15.65
CA TYR A 296 -22.45 -21.30 16.04
C TYR A 296 -21.68 -21.09 17.36
N THR A 297 -21.35 -22.21 17.98
CA THR A 297 -20.66 -22.29 19.26
C THR A 297 -19.18 -22.54 19.04
N LEU A 298 -18.32 -21.66 19.57
CA LEU A 298 -16.86 -21.85 19.51
C LEU A 298 -16.24 -21.28 20.79
N PRO A 299 -16.01 -22.12 21.80
CA PRO A 299 -15.36 -21.64 23.03
C PRO A 299 -13.88 -21.32 22.77
N SER A 300 -13.29 -20.60 23.73
CA SER A 300 -11.86 -20.32 23.69
C SER A 300 -11.26 -20.62 25.06
N THR A 301 -10.05 -21.18 25.07
CA THR A 301 -9.34 -21.46 26.31
C THR A 301 -8.67 -20.19 26.81
N ILE A 302 -8.67 -20.01 28.13
CA ILE A 302 -8.18 -18.77 28.73
C ILE A 302 -6.75 -18.94 29.26
N LYS A 309 -11.68 -21.06 33.23
CA LYS A 309 -11.14 -22.13 32.41
C LYS A 309 -11.48 -21.97 30.92
N SER A 310 -12.74 -21.69 30.60
CA SER A 310 -13.16 -21.56 29.21
C SER A 310 -14.11 -20.38 29.03
N LEU A 311 -14.12 -19.83 27.81
CA LEU A 311 -14.93 -18.68 27.45
C LEU A 311 -15.92 -19.12 26.38
N LYS A 312 -17.21 -19.18 26.73
CA LYS A 312 -18.22 -19.69 25.80
C LYS A 312 -18.67 -18.56 24.89
N ALA A 313 -18.34 -18.66 23.61
CA ALA A 313 -18.67 -17.66 22.62
C ALA A 313 -19.65 -18.19 21.59
N ALA A 314 -20.57 -17.34 21.18
CA ALA A 314 -21.44 -17.59 20.05
C ALA A 314 -20.99 -16.71 18.89
N TYR A 315 -21.14 -17.22 17.68
CA TYR A 315 -20.76 -16.48 16.48
C TYR A 315 -21.96 -16.37 15.56
N SER A 316 -22.35 -15.12 15.26
CA SER A 316 -23.35 -14.86 14.24
C SER A 316 -23.05 -15.64 12.96
N PHE A 317 -24.07 -16.30 12.44
CA PHE A 317 -23.91 -17.11 11.23
C PHE A 317 -24.67 -16.43 10.09
N TYR A 318 -25.84 -16.96 9.72
CA TYR A 318 -26.67 -16.30 8.71
C TYR A 318 -28.00 -15.93 9.35
N ASN A 319 -28.40 -14.67 9.18
CA ASN A 319 -29.65 -14.17 9.72
C ASN A 319 -30.45 -13.57 8.56
N VAL A 320 -31.61 -14.15 8.31
CA VAL A 320 -32.46 -13.76 7.19
C VAL A 320 -33.73 -13.17 7.79
N HIS A 321 -34.16 -12.03 7.26
CA HIS A 321 -35.36 -11.35 7.72
C HIS A 321 -36.21 -11.00 6.51
N THR A 322 -37.52 -11.30 6.59
CA THR A 322 -38.49 -10.78 5.63
C THR A 322 -39.72 -10.14 6.28
N GLN A 323 -40.02 -10.44 7.55
CA GLN A 323 -41.16 -9.84 8.22
C GLN A 323 -40.76 -9.31 9.59
N THR A 324 -39.83 -9.98 10.26
CA THR A 324 -39.33 -9.41 11.51
C THR A 324 -38.22 -8.43 11.21
N PRO A 325 -38.21 -7.27 11.88
CA PRO A 325 -37.09 -6.33 11.72
C PRO A 325 -35.78 -6.96 12.17
N LEU A 326 -34.74 -6.76 11.35
CA LEU A 326 -33.45 -7.37 11.67
C LEU A 326 -32.99 -6.98 13.06
N LEU A 327 -33.30 -5.76 13.50
CA LEU A 327 -32.89 -5.33 14.84
C LEU A 327 -33.55 -6.19 15.92
N ASP A 328 -34.79 -6.61 15.69
CA ASP A 328 -35.49 -7.48 16.62
C ASP A 328 -34.95 -8.90 16.56
N LEU A 329 -34.67 -9.40 15.35
CA LEU A 329 -34.10 -10.74 15.22
C LEU A 329 -32.82 -10.86 16.04
N MET A 330 -31.92 -9.90 15.91
CA MET A 330 -30.61 -10.04 16.56
C MET A 330 -30.74 -9.86 18.06
N SER A 331 -31.60 -8.93 18.48
CA SER A 331 -31.97 -8.81 19.89
C SER A 331 -32.39 -10.16 20.46
N ASP A 332 -33.21 -10.91 19.70
CA ASP A 332 -33.59 -12.25 20.14
C ASP A 332 -32.39 -13.20 20.11
N ALA A 333 -31.51 -13.03 19.13
CA ALA A 333 -30.31 -13.86 19.08
C ALA A 333 -29.49 -13.70 20.36
N LEU A 334 -29.22 -12.44 20.75
CA LEU A 334 -28.52 -12.17 22.01
C LEU A 334 -29.24 -12.83 23.19
N VAL A 335 -30.57 -12.69 23.24
CA VAL A 335 -31.34 -13.23 24.36
C VAL A 335 -31.18 -14.73 24.45
N LEU A 336 -31.37 -15.43 23.32
CA LEU A 336 -31.24 -16.88 23.32
C LEU A 336 -29.82 -17.32 23.72
N ALA A 337 -28.81 -16.63 23.20
CA ALA A 337 -27.44 -16.93 23.56
C ALA A 337 -27.22 -16.75 25.05
N LYS A 338 -27.62 -15.58 25.58
CA LYS A 338 -27.60 -15.35 27.02
C LYS A 338 -28.24 -16.51 27.75
N MET A 339 -29.47 -16.85 27.35
CA MET A 339 -30.21 -17.93 28.00
C MET A 339 -29.46 -19.25 27.93
N LYS A 340 -28.74 -19.50 26.82
CA LYS A 340 -28.00 -20.75 26.68
C LYS A 340 -26.63 -20.73 27.35
N GLY A 341 -26.26 -19.63 28.01
CA GLY A 341 -25.05 -19.63 28.81
C GLY A 341 -23.80 -19.12 28.13
N PHE A 342 -23.93 -18.51 26.95
CA PHE A 342 -22.76 -17.91 26.31
C PHE A 342 -22.32 -16.66 27.07
N ASP A 343 -21.02 -16.40 27.00
CA ASP A 343 -20.46 -15.23 27.66
C ASP A 343 -20.41 -14.01 26.75
N VAL A 344 -20.22 -14.23 25.46
CA VAL A 344 -20.11 -13.15 24.49
C VAL A 344 -20.77 -13.60 23.19
N PHE A 345 -21.23 -12.63 22.39
CA PHE A 345 -21.82 -12.87 21.09
C PHE A 345 -21.01 -12.07 20.06
N ASN A 346 -20.36 -12.77 19.14
CA ASN A 346 -19.54 -12.14 18.11
C ASN A 346 -20.26 -12.07 16.78
N ALA A 347 -19.88 -11.09 15.97
CA ALA A 347 -20.47 -10.89 14.65
C ALA A 347 -19.52 -10.02 13.83
N LEU A 348 -19.47 -10.29 12.54
CA LEU A 348 -18.70 -9.46 11.63
C LEU A 348 -19.53 -8.27 11.16
N ASP A 349 -18.87 -7.26 10.59
CA ASP A 349 -19.60 -6.12 10.03
C ASP A 349 -20.04 -6.36 8.60
N LEU A 350 -20.27 -7.61 8.19
CA LEU A 350 -20.66 -7.87 6.82
C LEU A 350 -22.17 -7.97 6.71
N MET A 351 -22.63 -8.31 5.50
CA MET A 351 -24.06 -8.33 5.15
C MET A 351 -24.66 -7.02 5.63
N GLU A 352 -25.80 -7.03 6.33
CA GLU A 352 -26.36 -5.79 6.86
C GLU A 352 -26.04 -5.58 8.33
N ASN A 353 -25.05 -6.31 8.87
CA ASN A 353 -24.83 -6.29 10.33
C ASN A 353 -24.53 -4.90 10.86
N LYS A 354 -23.96 -4.00 10.03
CA LYS A 354 -23.68 -2.66 10.51
C LYS A 354 -24.95 -1.92 10.93
N THR A 355 -26.11 -2.35 10.43
CA THR A 355 -27.37 -1.71 10.81
C THR A 355 -27.79 -2.01 12.24
N PHE A 356 -27.22 -3.03 12.90
CA PHE A 356 -27.64 -3.33 14.27
C PHE A 356 -26.51 -3.36 15.28
N LEU A 357 -25.24 -3.34 14.84
CA LEU A 357 -24.12 -3.59 15.75
C LEU A 357 -24.06 -2.55 16.87
N GLU A 358 -24.15 -1.26 16.51
CA GLU A 358 -24.05 -0.21 17.52
C GLU A 358 -25.30 -0.15 18.39
N LYS A 359 -26.48 -0.19 17.75
CA LYS A 359 -27.74 -0.12 18.51
C LYS A 359 -27.87 -1.23 19.52
N LEU A 360 -27.36 -2.42 19.21
CA LEU A 360 -27.46 -3.55 20.11
C LEU A 360 -26.27 -3.66 21.06
N LYS A 361 -25.43 -2.62 21.11
CA LYS A 361 -24.38 -2.47 22.12
C LYS A 361 -23.19 -3.41 21.88
N PHE A 362 -22.93 -3.76 20.62
CA PHE A 362 -21.66 -4.37 20.26
C PHE A 362 -20.53 -3.35 20.36
N GLY A 363 -19.36 -3.79 20.78
CA GLY A 363 -18.15 -2.99 20.69
C GLY A 363 -17.24 -3.54 19.61
N ILE A 364 -16.53 -2.63 18.92
CA ILE A 364 -15.65 -3.04 17.82
C ILE A 364 -14.44 -3.77 18.37
N GLY A 365 -14.00 -4.81 17.64
CA GLY A 365 -12.87 -5.60 18.07
C GLY A 365 -11.56 -5.07 17.51
N ASP A 366 -10.47 -5.73 17.91
CA ASP A 366 -9.13 -5.34 17.46
C ASP A 366 -8.63 -6.17 16.28
N GLY A 367 -9.34 -7.21 15.86
CA GLY A 367 -8.89 -8.11 14.82
C GLY A 367 -9.73 -7.95 13.55
N ASN A 368 -9.04 -7.80 12.43
CA ASN A 368 -9.70 -7.79 11.12
C ASN A 368 -9.94 -9.22 10.63
N LEU A 369 -10.76 -9.33 9.59
CA LEU A 369 -10.85 -10.56 8.81
C LEU A 369 -10.85 -10.19 7.33
N GLN A 370 -9.79 -10.59 6.62
CA GLN A 370 -9.67 -10.36 5.19
C GLN A 370 -10.25 -11.56 4.44
N TYR A 371 -10.96 -11.27 3.35
CA TYR A 371 -11.54 -12.31 2.51
C TYR A 371 -10.79 -12.34 1.19
N TYR A 372 -10.49 -13.55 0.72
CA TYR A 372 -9.64 -13.76 -0.45
C TYR A 372 -10.26 -14.77 -1.41
N LEU A 373 -10.01 -14.57 -2.69
CA LEU A 373 -10.25 -15.56 -3.72
C LEU A 373 -8.91 -15.97 -4.32
N TYR A 374 -8.75 -17.26 -4.54
CA TYR A 374 -7.62 -17.80 -5.29
C TYR A 374 -8.02 -17.96 -6.76
N ASN A 375 -7.17 -17.45 -7.65
CA ASN A 375 -7.33 -17.59 -9.11
C ASN A 375 -8.67 -16.98 -9.60
N TRP A 376 -9.01 -15.82 -9.06
CA TRP A 376 -10.17 -15.07 -9.54
C TRP A 376 -9.89 -13.59 -9.35
N LYS A 377 -9.83 -12.84 -10.46
CA LYS A 377 -9.52 -11.42 -10.44
C LYS A 377 -10.83 -10.66 -10.58
N CYS A 378 -11.13 -9.77 -9.63
CA CYS A 378 -12.42 -9.10 -9.58
C CYS A 378 -12.28 -7.90 -8.66
N PRO A 379 -13.13 -6.87 -8.84
CA PRO A 379 -13.04 -5.70 -7.96
C PRO A 379 -13.31 -6.10 -6.52
N SER A 380 -12.68 -5.38 -5.60
CA SER A 380 -12.95 -5.60 -4.19
C SER A 380 -14.35 -5.06 -3.87
N MET A 381 -14.76 -5.20 -2.60
CA MET A 381 -16.11 -4.78 -2.23
C MET A 381 -16.11 -4.35 -0.77
N GLY A 382 -17.09 -3.52 -0.42
CA GLY A 382 -17.31 -3.19 0.99
C GLY A 382 -17.75 -4.40 1.78
N ALA A 383 -17.50 -4.32 3.10
CA ALA A 383 -17.90 -5.40 3.99
C ALA A 383 -19.37 -5.75 3.81
N GLU A 384 -20.20 -4.73 3.58
CA GLU A 384 -21.64 -4.90 3.53
C GLU A 384 -22.09 -5.71 2.32
N LYS A 385 -21.22 -5.92 1.34
CA LYS A 385 -21.56 -6.78 0.21
C LYS A 385 -21.01 -8.18 0.36
N VAL A 386 -20.25 -8.45 1.41
CA VAL A 386 -19.79 -9.80 1.70
C VAL A 386 -20.93 -10.53 2.41
N GLY A 387 -21.43 -11.60 1.79
CA GLY A 387 -22.48 -12.44 2.35
C GLY A 387 -22.05 -13.89 2.53
N LEU A 388 -20.83 -14.12 3.03
CA LEU A 388 -20.26 -15.45 3.21
C LEU A 388 -19.63 -15.50 4.59
N VAL A 389 -20.04 -16.46 5.40
CA VAL A 389 -19.49 -16.65 6.74
C VAL A 389 -18.86 -18.05 6.80
N LEU A 390 -17.60 -18.12 7.22
CA LEU A 390 -16.91 -19.39 7.36
C LEU A 390 -16.73 -19.72 8.85
N GLN A 391 -16.27 -20.93 9.14
CA GLN A 391 -16.13 -21.38 10.54
C GLN A 391 -14.75 -21.05 11.11
N ARG B 10 38.55 34.27 -16.48
CA ARG B 10 38.65 32.89 -16.00
C ARG B 10 38.61 31.90 -17.16
N SER B 11 39.37 30.81 -17.02
CA SER B 11 39.50 29.78 -18.04
C SER B 11 38.85 28.48 -17.57
N TYR B 12 38.05 27.87 -18.43
CA TYR B 12 37.34 26.62 -18.13
C TYR B 12 37.95 25.52 -18.99
N GLN B 13 38.93 24.80 -18.42
CA GLN B 13 39.70 23.83 -19.20
C GLN B 13 38.79 22.82 -19.89
N PHE B 14 37.80 22.29 -19.17
CA PHE B 14 36.91 21.29 -19.76
C PHE B 14 35.83 21.94 -20.62
N TRP B 15 35.06 22.89 -20.04
CA TRP B 15 33.86 23.41 -20.70
C TRP B 15 34.16 24.17 -21.98
N ASP B 16 35.40 24.62 -22.18
CA ASP B 16 35.77 25.26 -23.44
C ASP B 16 35.76 24.28 -24.61
N THR B 17 35.93 22.98 -24.34
CA THR B 17 35.92 21.94 -25.37
C THR B 17 34.53 21.42 -25.69
N GLN B 18 33.47 21.92 -24.96
CA GLN B 18 32.11 21.41 -25.01
C GLN B 18 31.24 22.27 -25.91
N PRO B 19 30.22 21.68 -26.52
CA PRO B 19 29.36 22.49 -27.41
C PRO B 19 28.38 23.34 -26.61
N VAL B 20 28.93 24.30 -25.87
CA VAL B 20 28.15 25.30 -25.14
C VAL B 20 28.67 26.70 -25.47
N PRO B 21 27.85 27.73 -25.38
CA PRO B 21 28.35 29.09 -25.58
C PRO B 21 29.33 29.49 -24.49
N LYS B 22 30.22 30.41 -24.83
CA LYS B 22 31.19 30.90 -23.85
C LYS B 22 30.54 31.95 -22.95
N LEU B 23 31.07 32.08 -21.73
CA LEU B 23 30.60 33.11 -20.82
C LEU B 23 30.93 34.48 -21.39
N GLY B 24 29.96 35.39 -21.33
CA GLY B 24 30.13 36.71 -21.90
C GLY B 24 29.84 36.79 -23.38
N GLU B 25 29.60 35.66 -24.05
CA GLU B 25 29.12 35.66 -25.42
C GLU B 25 27.63 36.01 -25.44
N VAL B 26 27.27 37.01 -26.25
CA VAL B 26 25.86 37.36 -26.39
C VAL B 26 25.23 36.42 -27.40
N VAL B 27 23.99 35.99 -27.13
CA VAL B 27 23.30 35.03 -27.98
C VAL B 27 22.02 35.68 -28.50
N ASN B 28 21.89 35.74 -29.82
CA ASN B 28 20.70 36.24 -30.48
C ASN B 28 20.10 35.23 -31.44
N THR B 29 20.62 34.00 -31.48
CA THR B 29 20.10 32.95 -32.35
C THR B 29 19.54 31.81 -31.51
N HIS B 30 18.78 30.94 -32.17
CA HIS B 30 18.20 29.76 -31.54
C HIS B 30 18.57 28.54 -32.37
N GLY B 31 19.30 27.61 -31.78
CA GLY B 31 19.64 26.39 -32.47
C GLY B 31 20.80 25.64 -31.84
N PRO B 32 21.11 24.47 -32.37
CA PRO B 32 22.18 23.65 -31.79
C PRO B 32 23.54 24.29 -32.00
N VAL B 33 24.45 24.01 -31.05
CA VAL B 33 25.82 24.49 -31.19
C VAL B 33 26.58 23.67 -32.23
N GLU B 34 26.25 22.39 -32.38
CA GLU B 34 26.88 21.51 -33.34
C GLU B 34 25.82 20.53 -33.83
N PRO B 35 25.97 19.98 -35.03
CA PRO B 35 24.95 19.07 -35.55
C PRO B 35 25.01 17.71 -34.87
N ASP B 36 23.88 17.01 -34.90
CA ASP B 36 23.82 15.63 -34.45
C ASP B 36 24.94 14.81 -35.07
N LYS B 37 25.57 13.96 -34.27
CA LYS B 37 26.61 13.06 -34.77
C LYS B 37 25.96 11.81 -35.36
N ASP B 38 26.53 11.29 -36.46
CA ASP B 38 25.99 10.08 -37.06
C ASP B 38 26.91 8.88 -36.93
N ASN B 39 28.07 9.03 -36.30
CA ASN B 39 28.84 7.90 -35.79
C ASN B 39 29.36 8.27 -34.41
N ILE B 40 29.17 7.37 -33.45
CA ILE B 40 29.45 7.65 -32.05
C ILE B 40 30.50 6.68 -31.55
N ARG B 41 31.45 7.20 -30.77
CA ARG B 41 32.49 6.41 -30.14
C ARG B 41 31.91 5.24 -29.36
N GLN B 42 32.28 4.01 -29.75
CA GLN B 42 31.71 2.82 -29.15
C GLN B 42 32.38 2.41 -27.86
N GLU B 43 33.56 2.94 -27.57
CA GLU B 43 34.32 2.52 -26.40
C GLU B 43 34.10 3.49 -25.26
N PRO B 44 33.91 2.99 -24.03
CA PRO B 44 33.82 3.91 -22.89
C PRO B 44 35.13 4.65 -22.74
N TYR B 45 35.03 5.91 -22.30
CA TYR B 45 36.21 6.71 -22.01
C TYR B 45 37.05 6.06 -20.91
N THR B 46 38.36 6.28 -20.97
CA THR B 46 39.26 5.65 -20.01
C THR B 46 39.18 6.32 -18.65
N LEU B 47 39.04 5.50 -17.60
CA LEU B 47 39.15 5.95 -16.22
C LEU B 47 40.58 5.76 -15.73
N PRO B 48 40.98 6.48 -14.67
CA PRO B 48 42.29 6.24 -14.06
C PRO B 48 42.40 4.79 -13.62
N GLN B 49 43.63 4.29 -13.60
CA GLN B 49 43.88 2.88 -13.32
C GLN B 49 43.28 2.51 -11.96
N GLY B 50 42.77 1.28 -11.87
CA GLY B 50 42.10 0.84 -10.66
C GLY B 50 40.64 1.22 -10.55
N PHE B 51 40.04 1.79 -11.59
CA PHE B 51 38.63 2.17 -11.57
C PHE B 51 37.93 1.64 -12.81
N THR B 52 36.66 1.32 -12.68
CA THR B 52 35.91 0.75 -13.79
C THR B 52 34.49 1.27 -13.77
N TRP B 53 33.91 1.38 -14.97
CA TRP B 53 32.50 1.69 -15.10
C TRP B 53 31.64 0.55 -14.57
N ASP B 54 30.48 0.91 -14.05
CA ASP B 54 29.47 -0.09 -13.69
C ASP B 54 28.09 0.56 -13.78
N ALA B 55 27.21 -0.01 -14.60
CA ALA B 55 25.82 0.44 -14.63
C ALA B 55 25.08 -0.08 -13.41
N LEU B 56 24.47 0.83 -12.64
CA LEU B 56 23.88 0.48 -11.36
C LEU B 56 22.44 0.04 -11.56
N ASP B 57 22.17 -1.23 -11.23
CA ASP B 57 20.80 -1.73 -11.22
C ASP B 57 20.16 -1.25 -9.92
N LEU B 58 19.37 -0.18 -10.02
CA LEU B 58 18.74 0.38 -8.82
C LEU B 58 17.58 -0.46 -8.32
N GLY B 59 17.07 -1.38 -9.13
CA GLY B 59 16.15 -2.38 -8.62
C GLY B 59 16.81 -3.39 -7.70
N ASP B 60 18.14 -3.50 -7.73
CA ASP B 60 18.86 -4.30 -6.73
C ASP B 60 19.00 -3.48 -5.45
N ARG B 61 18.36 -3.94 -4.37
CA ARG B 61 18.26 -3.12 -3.17
C ARG B 61 19.64 -2.82 -2.57
N GLY B 62 20.57 -3.76 -2.68
CA GLY B 62 21.93 -3.49 -2.23
C GLY B 62 22.65 -2.44 -3.08
N VAL B 63 22.43 -2.47 -4.40
CA VAL B 63 23.07 -1.46 -5.24
C VAL B 63 22.46 -0.08 -4.98
N LEU B 64 21.13 -0.01 -4.81
CA LEU B 64 20.51 1.26 -4.44
C LEU B 64 21.13 1.83 -3.17
N LYS B 65 21.37 0.96 -2.16
CA LYS B 65 21.87 1.42 -0.87
C LYS B 65 23.29 1.95 -0.99
N GLU B 66 24.12 1.31 -1.83
CA GLU B 66 25.44 1.86 -2.14
C GLU B 66 25.33 3.25 -2.73
N LEU B 67 24.40 3.45 -3.66
CA LEU B 67 24.23 4.78 -4.23
C LEU B 67 23.73 5.76 -3.17
N TYR B 68 22.71 5.35 -2.39
CA TYR B 68 22.28 6.17 -1.27
C TYR B 68 23.46 6.57 -0.40
N THR B 69 24.28 5.61 -0.02
CA THR B 69 25.43 5.89 0.84
C THR B 69 26.42 6.81 0.16
N LEU B 70 26.71 6.56 -1.12
CA LEU B 70 27.59 7.46 -1.87
C LEU B 70 27.10 8.89 -1.78
N LEU B 71 25.84 9.10 -2.14
CA LEU B 71 25.28 10.45 -2.14
C LEU B 71 25.12 10.98 -0.72
N ASN B 72 24.68 10.14 0.22
CA ASN B 72 24.52 10.59 1.59
C ASN B 72 25.83 11.11 2.18
N GLU B 73 26.98 10.57 1.74
CA GLU B 73 28.29 10.92 2.31
C GLU B 73 29.12 11.83 1.42
N ASN B 74 28.76 12.04 0.15
CA ASN B 74 29.62 12.77 -0.76
C ASN B 74 28.92 13.78 -1.66
N TYR B 75 27.60 13.96 -1.55
CA TYR B 75 26.87 14.84 -2.44
C TYR B 75 26.82 16.27 -1.88
N VAL B 76 25.93 17.11 -2.42
CA VAL B 76 26.04 18.56 -2.31
C VAL B 76 25.87 19.03 -0.87
N GLU B 77 26.74 19.94 -0.45
CA GLU B 77 26.64 20.61 0.84
C GLU B 77 26.42 22.11 0.61
N ASP B 78 25.89 22.78 1.63
CA ASP B 78 25.89 24.24 1.59
C ASP B 78 27.34 24.74 1.65
N ASP B 79 27.54 26.02 1.29
CA ASP B 79 28.89 26.52 1.10
C ASP B 79 29.71 26.56 2.39
N ASP B 80 29.06 26.49 3.54
CA ASP B 80 29.74 26.50 4.82
C ASP B 80 29.88 25.10 5.42
N ASN B 81 29.49 24.07 4.67
CA ASN B 81 29.79 22.67 4.98
C ASN B 81 29.08 22.19 6.25
N MET B 82 27.84 22.61 6.45
CA MET B 82 27.06 22.19 7.61
C MET B 82 25.92 21.25 7.29
N PHE B 83 25.34 21.34 6.08
CA PHE B 83 24.18 20.56 5.68
C PHE B 83 24.43 19.90 4.34
N ARG B 84 24.08 18.61 4.23
CA ARG B 84 24.24 17.85 3.00
C ARG B 84 22.91 17.21 2.62
N PHE B 85 22.62 17.15 1.32
CA PHE B 85 21.43 16.45 0.86
C PHE B 85 21.45 15.01 1.37
N ASP B 86 20.27 14.54 1.79
CA ASP B 86 20.08 13.16 2.24
C ASP B 86 18.95 12.50 1.43
N TYR B 87 19.16 12.37 0.12
CA TYR B 87 18.19 11.72 -0.75
C TYR B 87 17.91 10.30 -0.27
N SER B 88 16.64 9.95 -0.11
CA SER B 88 16.34 8.61 0.35
C SER B 88 16.41 7.61 -0.81
N PRO B 89 16.54 6.31 -0.52
CA PRO B 89 16.51 5.32 -1.62
C PRO B 89 15.22 5.33 -2.42
N GLU B 90 14.06 5.39 -1.75
CA GLU B 90 12.80 5.49 -2.47
C GLU B 90 12.74 6.76 -3.31
N PHE B 91 13.27 7.87 -2.78
CA PHE B 91 13.33 9.11 -3.56
C PHE B 91 14.17 8.94 -4.82
N LEU B 92 15.36 8.37 -4.68
CA LEU B 92 16.22 8.14 -5.84
C LEU B 92 15.49 7.31 -6.91
N LEU B 93 14.74 6.28 -6.50
CA LEU B 93 13.99 5.46 -7.44
C LEU B 93 12.96 6.30 -8.20
N TRP B 94 12.23 7.15 -7.48
CA TRP B 94 11.35 8.11 -8.13
C TRP B 94 12.11 8.97 -9.15
N ALA B 95 13.20 9.59 -8.70
CA ALA B 95 13.91 10.56 -9.56
C ALA B 95 14.62 9.90 -10.73
N LEU B 96 15.02 8.63 -10.61
CA LEU B 96 15.91 8.01 -11.58
C LEU B 96 15.25 6.94 -12.42
N ARG B 97 14.02 6.54 -12.10
CA ARG B 97 13.26 5.64 -12.96
C ARG B 97 11.92 6.24 -13.39
N PRO B 98 11.91 7.42 -14.01
CA PRO B 98 10.70 7.89 -14.66
C PRO B 98 10.51 7.16 -15.96
N PRO B 99 9.37 7.30 -16.63
CA PRO B 99 9.18 6.62 -17.92
C PRO B 99 10.35 6.89 -18.87
N GLY B 100 10.81 5.84 -19.56
CA GLY B 100 11.92 5.97 -20.47
C GLY B 100 13.30 5.83 -19.87
N TRP B 101 13.40 5.52 -18.58
CA TRP B 101 14.71 5.42 -17.95
C TRP B 101 15.49 4.24 -18.54
N LEU B 102 16.82 4.37 -18.55
CA LEU B 102 17.67 3.35 -19.14
C LEU B 102 18.76 2.97 -18.15
N PRO B 103 19.05 1.67 -18.00
CA PRO B 103 20.08 1.27 -17.01
C PRO B 103 21.46 1.83 -17.30
N GLN B 104 21.85 1.93 -18.57
CA GLN B 104 23.17 2.49 -18.88
C GLN B 104 23.25 4.00 -18.61
N TRP B 105 22.12 4.67 -18.35
CA TRP B 105 22.17 6.07 -17.95
C TRP B 105 22.31 6.27 -16.44
N HIS B 106 22.32 5.19 -15.65
CA HIS B 106 22.69 5.25 -14.23
C HIS B 106 24.15 4.83 -14.17
N CYS B 107 25.05 5.79 -14.36
CA CYS B 107 26.45 5.54 -14.71
C CYS B 107 27.32 5.66 -13.47
N GLY B 108 27.64 4.51 -12.85
CA GLY B 108 28.48 4.48 -11.66
C GLY B 108 29.95 4.19 -11.95
N VAL B 109 30.79 4.58 -11.00
CA VAL B 109 32.22 4.26 -10.98
C VAL B 109 32.55 3.47 -9.72
N ARG B 110 33.23 2.34 -9.89
CA ARG B 110 33.67 1.48 -8.80
C ARG B 110 35.19 1.29 -8.85
N VAL B 111 35.80 1.07 -7.69
CA VAL B 111 37.23 0.73 -7.66
C VAL B 111 37.37 -0.76 -7.93
N VAL B 112 38.34 -1.13 -8.76
CA VAL B 112 38.42 -2.51 -9.25
C VAL B 112 38.59 -3.49 -8.09
N SER B 113 39.51 -3.17 -7.18
CA SER B 113 39.86 -4.09 -6.10
C SER B 113 38.68 -4.32 -5.15
N SER B 114 38.21 -3.25 -4.51
CA SER B 114 37.21 -3.40 -3.46
C SER B 114 35.77 -3.33 -3.94
N ARG B 115 35.52 -2.96 -5.20
CA ARG B 115 34.18 -2.75 -5.75
C ARG B 115 33.44 -1.58 -5.10
N LYS B 116 34.14 -0.71 -4.37
CA LYS B 116 33.50 0.42 -3.71
C LYS B 116 33.05 1.45 -4.74
N LEU B 117 31.79 1.88 -4.60
CA LEU B 117 31.22 2.89 -5.48
C LEU B 117 31.74 4.29 -5.11
N VAL B 118 32.43 4.94 -6.05
CA VAL B 118 33.14 6.18 -5.77
C VAL B 118 32.74 7.33 -6.70
N GLY B 119 31.93 7.04 -7.72
CA GLY B 119 31.49 8.07 -8.63
C GLY B 119 30.14 7.73 -9.24
N PHE B 120 29.44 8.76 -9.71
CA PHE B 120 28.13 8.54 -10.30
C PHE B 120 27.71 9.75 -11.11
N ILE B 121 26.89 9.49 -12.14
CA ILE B 121 26.16 10.51 -12.90
C ILE B 121 24.96 9.83 -13.55
N SER B 122 23.88 10.58 -13.76
CA SER B 122 22.66 9.99 -14.30
C SER B 122 22.06 10.83 -15.42
N ALA B 123 21.33 10.16 -16.31
CA ALA B 123 20.52 10.83 -17.31
C ALA B 123 19.12 10.24 -17.29
N ILE B 124 18.11 11.09 -17.46
CA ILE B 124 16.76 10.62 -17.68
C ILE B 124 16.21 11.37 -18.88
N PRO B 125 15.41 10.73 -19.72
CA PRO B 125 14.93 11.42 -20.92
C PRO B 125 13.79 12.36 -20.55
N ALA B 126 13.71 13.48 -21.25
CA ALA B 126 12.59 14.39 -21.09
C ALA B 126 12.43 15.17 -22.38
N ASN B 127 11.17 15.47 -22.71
CA ASN B 127 10.86 16.38 -23.80
C ASN B 127 10.89 17.79 -23.24
N ILE B 128 11.69 18.65 -23.85
CA ILE B 128 11.90 19.99 -23.32
C ILE B 128 11.40 21.00 -24.33
N HIS B 129 10.57 21.93 -23.86
CA HIS B 129 10.17 23.07 -24.66
C HIS B 129 11.09 24.24 -24.31
N ILE B 130 11.84 24.73 -25.31
CA ILE B 130 12.75 25.84 -25.15
C ILE B 130 12.37 26.89 -26.19
N TYR B 131 11.83 28.03 -25.72
CA TYR B 131 11.27 29.06 -26.59
C TYR B 131 10.31 28.41 -27.57
N ASP B 132 10.55 28.56 -28.87
CA ASP B 132 9.63 28.07 -29.86
C ASP B 132 9.92 26.63 -30.30
N THR B 133 10.90 25.98 -29.68
CA THR B 133 11.32 24.65 -30.11
C THR B 133 11.00 23.60 -29.03
N GLU B 134 10.60 22.41 -29.48
CA GLU B 134 10.46 21.25 -28.61
C GLU B 134 11.46 20.21 -29.03
N LYS B 135 12.34 19.82 -28.10
CA LYS B 135 13.38 18.81 -28.36
C LYS B 135 13.33 17.68 -27.33
N LYS B 136 13.58 16.46 -27.79
CA LYS B 136 13.95 15.37 -26.90
C LYS B 136 15.33 15.66 -26.32
N MET B 137 15.43 15.60 -25.01
CA MET B 137 16.70 15.84 -24.33
C MET B 137 16.86 14.79 -23.24
N VAL B 138 17.91 14.95 -22.46
CA VAL B 138 18.04 14.28 -21.18
C VAL B 138 18.22 15.34 -20.10
N GLU B 139 17.80 15.00 -18.89
CA GLU B 139 18.13 15.79 -17.71
C GLU B 139 19.25 15.05 -17.00
N ILE B 140 20.36 15.76 -16.77
CA ILE B 140 21.51 15.22 -16.05
C ILE B 140 21.35 15.60 -14.58
N ASN B 141 21.51 14.63 -13.68
CA ASN B 141 21.38 14.89 -12.26
C ASN B 141 22.34 13.98 -11.49
N PHE B 142 22.61 14.36 -10.24
CA PHE B 142 23.33 13.52 -9.29
C PHE B 142 24.78 13.25 -9.70
N LEU B 143 25.45 14.20 -10.35
CA LEU B 143 26.87 14.03 -10.58
C LEU B 143 27.59 14.05 -9.24
N CYS B 144 28.27 12.95 -8.90
CA CYS B 144 28.92 12.85 -7.60
C CYS B 144 30.26 12.13 -7.73
N VAL B 145 31.30 12.73 -7.15
CA VAL B 145 32.62 12.11 -7.03
C VAL B 145 32.91 11.95 -5.54
N HIS B 146 33.36 10.77 -5.15
CA HIS B 146 33.76 10.55 -3.76
C HIS B 146 34.76 11.60 -3.33
N LYS B 147 34.69 11.98 -2.05
CA LYS B 147 35.56 13.04 -1.52
C LYS B 147 37.03 12.71 -1.74
N LYS B 148 37.41 11.45 -1.59
CA LYS B 148 38.81 11.08 -1.70
C LYS B 148 39.27 11.07 -3.15
N LEU B 149 38.33 11.08 -4.10
CA LEU B 149 38.64 11.08 -5.51
C LEU B 149 38.58 12.47 -6.12
N ARG B 150 38.41 13.50 -5.30
CA ARG B 150 38.19 14.83 -5.83
C ARG B 150 39.47 15.40 -6.44
N SER B 151 39.28 16.28 -7.43
CA SER B 151 40.38 16.99 -8.07
C SER B 151 41.38 16.02 -8.72
N LYS B 152 40.84 14.94 -9.28
CA LYS B 152 41.61 13.98 -10.07
C LYS B 152 41.09 13.89 -11.51
N ARG B 153 40.41 14.94 -11.98
CA ARG B 153 39.81 15.03 -13.31
C ARG B 153 38.72 13.98 -13.56
N VAL B 154 38.07 13.48 -12.51
CA VAL B 154 37.11 12.39 -12.69
C VAL B 154 35.77 12.90 -13.20
N ALA B 155 35.31 14.06 -12.71
CA ALA B 155 34.02 14.59 -13.16
C ALA B 155 33.95 14.80 -14.66
N PRO B 156 34.98 15.34 -15.35
CA PRO B 156 34.88 15.48 -16.81
C PRO B 156 34.73 14.17 -17.55
N VAL B 157 35.23 13.07 -16.96
CA VAL B 157 35.14 11.76 -17.61
C VAL B 157 33.74 11.18 -17.42
N LEU B 158 33.13 11.40 -16.26
CA LEU B 158 31.72 11.10 -16.09
C LEU B 158 30.86 11.91 -17.06
N ILE B 159 31.21 13.17 -17.27
CA ILE B 159 30.40 13.98 -18.18
C ILE B 159 30.55 13.51 -19.62
N ARG B 160 31.79 13.25 -20.04
CA ARG B 160 31.99 12.76 -21.40
C ARG B 160 31.37 11.39 -21.60
N GLU B 161 31.45 10.53 -20.58
CA GLU B 161 30.89 9.18 -20.71
C GLU B 161 29.36 9.21 -20.78
N ILE B 162 28.71 10.03 -19.95
CA ILE B 162 27.25 10.02 -20.03
C ILE B 162 26.80 10.66 -21.34
N THR B 163 27.57 11.64 -21.85
CA THR B 163 27.29 12.23 -23.15
C THR B 163 27.34 11.17 -24.25
N ARG B 164 28.37 10.34 -24.20
CA ARG B 164 28.53 9.26 -25.18
C ARG B 164 27.35 8.31 -25.12
N ARG B 165 27.01 7.87 -23.91
CA ARG B 165 25.87 6.95 -23.77
C ARG B 165 24.55 7.59 -24.20
N VAL B 166 24.39 8.89 -23.97
CA VAL B 166 23.17 9.56 -24.45
C VAL B 166 23.20 9.70 -25.97
N HIS B 167 24.36 10.09 -26.54
CA HIS B 167 24.50 10.10 -28.00
C HIS B 167 24.16 8.74 -28.61
N LEU B 168 24.53 7.64 -27.94
CA LEU B 168 24.26 6.33 -28.53
C LEU B 168 22.78 6.06 -28.70
N GLU B 169 21.92 6.75 -27.93
CA GLU B 169 20.48 6.61 -28.06
C GLU B 169 19.87 7.68 -28.96
N GLY B 170 20.71 8.46 -29.63
CA GLY B 170 20.23 9.42 -30.61
C GLY B 170 19.74 10.72 -30.03
N ILE B 171 20.26 11.13 -28.89
CA ILE B 171 19.84 12.36 -28.24
C ILE B 171 21.05 13.27 -28.12
N PHE B 172 20.87 14.54 -28.47
CA PHE B 172 22.01 15.42 -28.64
C PHE B 172 21.90 16.73 -27.88
N GLN B 173 20.89 16.88 -27.01
CA GLN B 173 20.77 18.05 -26.15
C GLN B 173 20.45 17.59 -24.74
N ALA B 174 20.84 18.40 -23.76
CA ALA B 174 20.59 18.07 -22.37
C ALA B 174 20.28 19.35 -21.61
N VAL B 175 19.56 19.21 -20.49
CA VAL B 175 19.37 20.30 -19.55
C VAL B 175 19.86 19.86 -18.18
N TYR B 176 20.49 20.77 -17.44
CA TYR B 176 21.08 20.49 -16.14
C TYR B 176 21.14 21.78 -15.34
N THR B 177 21.40 21.65 -14.05
CA THR B 177 21.52 22.79 -13.17
C THR B 177 22.80 22.67 -12.35
N ALA B 178 23.28 23.79 -11.84
CA ALA B 178 24.46 23.78 -10.98
C ALA B 178 24.46 25.00 -10.08
N GLY B 179 25.08 24.85 -8.92
CA GLY B 179 25.32 26.00 -8.05
C GLY B 179 26.39 26.93 -8.60
N VAL B 180 27.44 26.36 -9.19
CA VAL B 180 28.52 27.18 -9.73
C VAL B 180 28.10 27.80 -11.06
N VAL B 181 28.83 28.83 -11.46
CA VAL B 181 28.68 29.41 -12.79
C VAL B 181 29.60 28.66 -13.74
N LEU B 182 29.06 28.27 -14.89
CA LEU B 182 29.72 27.57 -15.98
C LEU B 182 29.32 28.24 -17.29
N PRO B 183 30.05 27.99 -18.37
CA PRO B 183 29.54 28.42 -19.69
C PRO B 183 28.41 27.48 -20.09
N LYS B 184 27.21 28.01 -20.29
CA LYS B 184 26.80 29.39 -20.05
C LYS B 184 25.31 29.36 -19.59
N PRO B 185 24.98 30.03 -18.48
CA PRO B 185 23.64 29.85 -17.90
C PRO B 185 22.56 30.41 -18.82
N VAL B 186 21.52 29.60 -19.05
CA VAL B 186 20.36 30.09 -19.80
C VAL B 186 19.42 30.87 -18.90
N GLY B 187 19.64 30.82 -17.59
CA GLY B 187 18.80 31.52 -16.64
C GLY B 187 19.30 31.25 -15.24
N THR B 188 19.10 32.20 -14.33
CA THR B 188 19.67 32.13 -13.00
C THR B 188 18.56 32.30 -11.97
N CYS B 189 18.41 31.32 -11.10
CA CYS B 189 17.42 31.37 -10.03
C CYS B 189 18.10 31.37 -8.67
N ARG B 190 17.28 31.61 -7.65
CA ARG B 190 17.70 31.69 -6.26
C ARG B 190 16.74 30.89 -5.42
N TYR B 191 17.29 30.11 -4.49
CA TYR B 191 16.46 29.46 -3.49
C TYR B 191 15.99 30.48 -2.45
N TRP B 192 14.75 30.29 -1.98
CA TRP B 192 14.17 30.97 -0.83
C TRP B 192 13.68 29.92 0.17
N HIS B 193 13.61 30.32 1.43
CA HIS B 193 13.28 29.38 2.51
C HIS B 193 12.17 29.94 3.37
N ARG B 194 11.29 29.07 3.82
CA ARG B 194 10.18 29.45 4.68
C ARG B 194 10.23 28.57 5.93
N SER B 195 10.51 29.20 7.07
CA SER B 195 10.56 28.49 8.34
C SER B 195 9.19 27.95 8.70
N LEU B 196 9.14 26.69 9.11
CA LEU B 196 7.95 26.09 9.68
C LEU B 196 8.17 25.58 11.10
N ASN B 197 9.41 25.31 11.47
CA ASN B 197 9.79 24.91 12.83
C ASN B 197 11.01 25.75 13.21
N PRO B 198 10.81 27.05 13.50
CA PRO B 198 11.96 27.95 13.67
C PRO B 198 12.84 27.61 14.86
N ARG B 199 12.30 26.98 15.90
CA ARG B 199 13.13 26.57 17.04
C ARG B 199 14.24 25.62 16.60
N LYS B 200 13.89 24.57 15.86
CA LYS B 200 14.92 23.63 15.40
C LYS B 200 15.86 24.28 14.40
N LEU B 201 15.34 25.14 13.51
CA LEU B 201 16.18 25.76 12.50
C LEU B 201 17.23 26.67 13.12
N ILE B 202 16.95 27.25 14.28
CA ILE B 202 17.87 28.14 14.96
C ILE B 202 18.87 27.36 15.82
N GLU B 203 18.42 26.29 16.48
CA GLU B 203 19.32 25.47 17.28
C GLU B 203 20.38 24.77 16.42
N VAL B 204 20.09 24.55 15.14
CA VAL B 204 21.03 23.87 14.25
C VAL B 204 21.77 24.85 13.34
N LYS B 205 21.60 26.16 13.56
CA LYS B 205 22.32 27.20 12.82
C LYS B 205 22.01 27.14 11.32
N PHE B 206 20.84 26.60 10.98
CA PHE B 206 20.31 26.76 9.62
C PHE B 206 19.82 28.19 9.41
N SER B 207 19.08 28.73 10.38
CA SER B 207 18.73 30.15 10.40
C SER B 207 19.13 30.72 11.76
N THR B 214 13.80 38.16 18.77
CA THR B 214 13.30 37.32 19.87
C THR B 214 12.83 35.96 19.35
N MET B 215 13.20 34.90 20.08
CA MET B 215 12.70 33.56 19.76
C MET B 215 11.18 33.47 19.97
N GLN B 216 10.67 34.12 21.01
CA GLN B 216 9.22 34.15 21.24
C GLN B 216 8.49 34.84 20.09
N ARG B 217 9.01 35.99 19.64
CA ARG B 217 8.38 36.70 18.53
C ARG B 217 8.60 35.99 17.20
N THR B 218 9.66 35.19 17.08
CA THR B 218 9.88 34.41 15.87
C THR B 218 8.95 33.21 15.78
N MET B 219 8.66 32.56 16.93
CA MET B 219 7.70 31.46 16.93
C MET B 219 6.30 31.93 16.56
N LYS B 220 5.91 33.13 17.01
CA LYS B 220 4.60 33.67 16.65
C LYS B 220 4.57 34.18 15.22
N LEU B 221 5.67 34.74 14.73
CA LEU B 221 5.70 35.30 13.38
C LEU B 221 5.50 34.22 12.31
N TYR B 222 6.17 33.08 12.46
CA TYR B 222 6.09 32.00 11.49
C TYR B 222 4.94 31.04 11.77
N ARG B 223 4.09 31.35 12.75
CA ARG B 223 2.96 30.48 13.07
C ARG B 223 2.03 30.35 11.87
N LEU B 224 1.47 29.16 11.71
CA LEU B 224 0.63 28.82 10.58
C LEU B 224 -0.70 28.25 11.05
N PRO B 225 -1.80 28.54 10.33
CA PRO B 225 -3.08 27.86 10.62
C PRO B 225 -2.96 26.35 10.74
N GLU B 226 -3.91 25.73 11.43
CA GLU B 226 -3.88 24.29 11.63
C GLU B 226 -4.43 23.51 10.44
N THR B 227 -5.21 24.14 9.58
CA THR B 227 -5.81 23.50 8.41
C THR B 227 -5.74 24.47 7.24
N PRO B 228 -5.75 23.94 6.02
CA PRO B 228 -5.76 24.81 4.84
C PRO B 228 -7.10 25.53 4.67
N LYS B 229 -7.04 26.71 4.06
CA LYS B 229 -8.24 27.52 3.86
C LYS B 229 -9.03 27.11 2.62
N THR B 230 -8.36 26.61 1.57
CA THR B 230 -9.00 26.43 0.27
C THR B 230 -10.04 25.33 0.30
N ALA B 231 -11.26 25.70 -0.08
CA ALA B 231 -12.35 24.73 -0.19
C ALA B 231 -11.99 23.62 -1.16
N GLY B 232 -12.23 22.39 -0.75
CA GLY B 232 -12.14 21.33 -1.71
C GLY B 232 -10.74 20.83 -1.99
N LEU B 233 -9.73 21.32 -1.28
CA LEU B 233 -8.40 20.75 -1.34
C LEU B 233 -8.43 19.32 -0.82
N ARG B 234 -7.69 18.45 -1.49
CA ARG B 234 -7.62 17.03 -1.12
C ARG B 234 -6.43 16.42 -1.87
N PRO B 235 -5.88 15.31 -1.37
CA PRO B 235 -4.75 14.67 -2.04
C PRO B 235 -5.10 14.28 -3.47
N MET B 236 -4.08 14.27 -4.33
CA MET B 236 -4.28 13.81 -5.69
C MET B 236 -4.59 12.32 -5.72
N GLU B 237 -5.52 11.93 -6.58
CA GLU B 237 -5.93 10.55 -6.78
C GLU B 237 -5.74 10.14 -8.23
N THR B 238 -5.81 8.82 -8.47
CA THR B 238 -5.67 8.26 -9.81
C THR B 238 -6.60 8.96 -10.80
N LYS B 239 -7.85 9.21 -10.39
CA LYS B 239 -8.83 9.83 -11.29
C LYS B 239 -8.43 11.23 -11.72
N ASP B 240 -7.52 11.90 -11.02
CA ASP B 240 -7.11 13.26 -11.37
C ASP B 240 -5.97 13.33 -12.36
N ILE B 241 -5.40 12.18 -12.75
CA ILE B 241 -4.19 12.23 -13.60
C ILE B 241 -4.45 12.96 -14.90
N PRO B 242 -5.54 12.71 -15.64
CA PRO B 242 -5.78 13.48 -16.87
C PRO B 242 -5.92 14.98 -16.63
N VAL B 243 -6.71 15.38 -15.65
CA VAL B 243 -6.92 16.81 -15.51
C VAL B 243 -5.66 17.48 -14.95
N VAL B 244 -4.90 16.80 -14.08
CA VAL B 244 -3.62 17.36 -13.64
C VAL B 244 -2.68 17.52 -14.83
N HIS B 245 -2.69 16.56 -15.76
CA HIS B 245 -1.92 16.70 -16.99
C HIS B 245 -2.37 17.92 -17.80
N GLN B 246 -3.68 18.05 -18.02
CA GLN B 246 -4.21 19.15 -18.80
C GLN B 246 -3.88 20.50 -18.17
N LEU B 247 -4.12 20.63 -16.86
CA LEU B 247 -3.82 21.88 -16.17
C LEU B 247 -2.35 22.25 -16.30
N LEU B 248 -1.47 21.30 -16.01
CA LEU B 248 -0.03 21.58 -16.09
C LEU B 248 0.35 21.97 -17.52
N THR B 249 -0.11 21.20 -18.50
CA THR B 249 0.27 21.48 -19.89
C THR B 249 -0.15 22.88 -20.32
N ARG B 250 -1.35 23.30 -19.94
CA ARG B 250 -1.81 24.62 -20.36
C ARG B 250 -1.11 25.72 -19.59
N TYR B 251 -0.87 25.50 -18.29
CA TYR B 251 -0.20 26.50 -17.47
C TYR B 251 1.24 26.74 -17.93
N LEU B 252 1.94 25.68 -18.36
CA LEU B 252 3.36 25.86 -18.66
C LEU B 252 3.62 26.62 -19.95
N LYS B 253 2.61 26.83 -20.80
CA LYS B 253 2.86 27.50 -22.07
C LYS B 253 3.34 28.93 -21.89
N GLN B 254 3.06 29.54 -20.73
CA GLN B 254 3.46 30.94 -20.57
C GLN B 254 4.96 31.11 -20.36
N PHE B 255 5.70 30.03 -20.11
CA PHE B 255 7.13 30.13 -19.83
C PHE B 255 7.93 29.73 -21.06
N HIS B 256 9.26 29.93 -20.98
CA HIS B 256 10.13 29.72 -22.13
C HIS B 256 10.98 28.45 -22.03
N LEU B 257 11.16 27.88 -20.83
CA LEU B 257 11.85 26.61 -20.63
C LEU B 257 10.99 25.73 -19.72
N THR B 258 10.42 24.68 -20.30
CA THR B 258 9.46 23.85 -19.59
C THR B 258 9.61 22.41 -20.03
N PRO B 259 9.15 21.46 -19.22
CA PRO B 259 8.98 20.09 -19.71
C PRO B 259 7.66 19.94 -20.42
N VAL B 260 7.65 19.00 -21.37
CA VAL B 260 6.43 18.55 -22.04
C VAL B 260 6.22 17.12 -21.60
N MET B 261 5.39 16.94 -20.58
CA MET B 261 5.15 15.63 -20.00
C MET B 261 4.01 14.91 -20.72
N SER B 262 4.21 13.63 -20.97
CA SER B 262 3.14 12.73 -21.33
C SER B 262 2.26 12.48 -20.11
N GLN B 263 1.10 11.86 -20.34
CA GLN B 263 0.23 11.56 -19.21
C GLN B 263 0.86 10.53 -18.28
N GLU B 264 1.68 9.61 -18.82
CA GLU B 264 2.41 8.66 -17.98
C GLU B 264 3.43 9.38 -17.12
N GLU B 265 4.10 10.40 -17.66
CA GLU B 265 5.08 11.18 -16.89
C GLU B 265 4.38 12.00 -15.81
N VAL B 266 3.19 12.53 -16.11
CA VAL B 266 2.47 13.29 -15.10
C VAL B 266 2.13 12.39 -13.92
N GLU B 267 1.67 11.17 -14.20
CA GLU B 267 1.43 10.20 -13.15
C GLU B 267 2.70 9.96 -12.32
N HIS B 268 3.81 9.72 -13.00
CA HIS B 268 5.03 9.41 -12.25
C HIS B 268 5.47 10.58 -11.38
N TRP B 269 5.41 11.79 -11.92
CA TRP B 269 5.99 12.92 -11.20
C TRP B 269 5.07 13.48 -10.11
N PHE B 270 3.75 13.25 -10.18
CA PHE B 270 2.81 13.92 -9.30
C PHE B 270 1.99 13.00 -8.39
N TYR B 271 1.78 11.73 -8.76
CA TYR B 271 0.92 10.88 -7.95
C TYR B 271 1.56 10.72 -6.56
N PRO B 272 0.81 10.96 -5.48
CA PRO B 272 1.44 11.05 -4.16
C PRO B 272 2.13 9.77 -3.75
N GLN B 273 3.30 9.93 -3.15
CA GLN B 273 4.07 8.83 -2.57
C GLN B 273 4.63 9.35 -1.26
N GLU B 274 4.32 8.66 -0.17
CA GLU B 274 4.66 9.15 1.17
C GLU B 274 6.16 9.33 1.29
N ASN B 275 6.57 10.49 1.81
CA ASN B 275 7.97 10.84 2.00
C ASN B 275 8.73 10.97 0.69
N ILE B 276 8.02 11.21 -0.42
CA ILE B 276 8.65 11.44 -1.73
C ILE B 276 8.05 12.67 -2.40
N ILE B 277 6.74 12.64 -2.67
CA ILE B 277 6.09 13.69 -3.46
C ILE B 277 4.65 13.83 -2.98
N ASP B 278 4.24 15.05 -2.69
CA ASP B 278 2.87 15.33 -2.29
C ASP B 278 2.22 16.21 -3.34
N THR B 279 1.00 15.85 -3.74
CA THR B 279 0.21 16.65 -4.67
C THR B 279 -1.21 16.77 -4.13
N PHE B 280 -1.72 17.99 -4.06
CA PHE B 280 -3.10 18.22 -3.63
C PHE B 280 -3.83 18.97 -4.74
N VAL B 281 -5.04 18.53 -5.05
CA VAL B 281 -5.86 19.20 -6.05
C VAL B 281 -6.96 19.98 -5.35
N VAL B 282 -7.47 21.01 -6.04
CA VAL B 282 -8.67 21.73 -5.62
C VAL B 282 -9.83 21.21 -6.47
N GLU B 283 -10.74 20.45 -5.84
CA GLU B 283 -11.96 20.01 -6.51
C GLU B 283 -13.10 20.92 -6.05
N ASN B 284 -13.63 21.74 -6.96
CA ASN B 284 -14.58 22.80 -6.60
C ASN B 284 -15.98 22.21 -6.40
N ALA B 285 -16.98 23.10 -6.28
CA ALA B 285 -18.34 22.74 -5.91
C ALA B 285 -19.09 22.02 -7.02
N ASN B 286 -18.63 22.16 -8.27
CA ASN B 286 -19.17 21.40 -9.40
C ASN B 286 -18.45 20.08 -9.61
N GLY B 287 -17.47 19.75 -8.76
CA GLY B 287 -16.71 18.53 -8.93
C GLY B 287 -15.57 18.60 -9.94
N GLU B 288 -15.16 19.81 -10.32
CA GLU B 288 -14.11 19.99 -11.31
C GLU B 288 -12.81 20.38 -10.62
N VAL B 289 -11.72 19.73 -11.01
CA VAL B 289 -10.41 20.09 -10.48
C VAL B 289 -9.93 21.33 -11.23
N THR B 290 -9.58 22.37 -10.48
CA THR B 290 -9.20 23.66 -11.07
C THR B 290 -7.79 24.10 -10.74
N ASP B 291 -7.15 23.51 -9.75
CA ASP B 291 -5.84 23.93 -9.28
C ASP B 291 -5.16 22.71 -8.70
N PHE B 292 -3.82 22.76 -8.67
CA PHE B 292 -3.12 21.81 -7.82
C PHE B 292 -1.81 22.41 -7.34
N LEU B 293 -1.32 21.88 -6.22
CA LEU B 293 -0.06 22.26 -5.64
C LEU B 293 0.71 20.97 -5.39
N SER B 294 2.03 21.04 -5.45
CA SER B 294 2.83 19.84 -5.21
C SER B 294 4.16 20.24 -4.59
N PHE B 295 4.68 19.35 -3.74
CA PHE B 295 6.01 19.53 -3.19
C PHE B 295 6.63 18.17 -2.92
N TYR B 296 7.97 18.09 -3.02
CA TYR B 296 8.67 16.84 -2.78
C TYR B 296 9.49 16.88 -1.50
N THR B 297 9.89 15.69 -1.04
CA THR B 297 10.50 15.50 0.27
C THR B 297 12.00 15.25 0.10
N LEU B 298 12.82 16.13 0.66
CA LEU B 298 14.27 16.01 0.51
C LEU B 298 14.92 16.47 1.81
N PRO B 299 15.17 15.56 2.74
CA PRO B 299 15.88 15.93 3.98
C PRO B 299 17.33 16.29 3.69
N SER B 300 17.96 16.87 4.68
CA SER B 300 19.39 17.15 4.65
C SER B 300 20.03 16.69 5.95
N THR B 301 21.23 16.14 5.83
CA THR B 301 22.01 15.76 6.99
C THR B 301 22.54 17.01 7.71
N ILE B 302 22.43 17.04 9.03
CA ILE B 302 23.03 18.08 9.86
C ILE B 302 24.35 17.52 10.38
N MET B 303 25.45 17.94 9.76
CA MET B 303 26.75 17.33 10.05
C MET B 303 27.38 17.90 11.31
N ASN B 304 28.10 17.03 12.02
CA ASN B 304 28.88 17.40 13.20
C ASN B 304 27.99 18.06 14.25
N HIS B 305 26.79 17.52 14.44
CA HIS B 305 25.87 18.01 15.45
C HIS B 305 25.44 16.87 16.37
N PRO B 306 25.53 17.06 17.69
CA PRO B 306 25.31 15.95 18.63
C PRO B 306 23.86 15.53 18.84
N THR B 307 22.91 16.45 18.69
CA THR B 307 21.51 16.16 19.01
C THR B 307 20.62 16.06 17.78
N HIS B 308 20.68 17.05 16.88
CA HIS B 308 19.84 17.08 15.69
C HIS B 308 20.64 16.59 14.49
N LYS B 309 20.17 15.51 13.88
CA LYS B 309 20.89 14.87 12.80
C LYS B 309 20.29 15.14 11.42
N SER B 310 19.01 15.45 11.33
CA SER B 310 18.34 15.56 10.04
C SER B 310 17.42 16.77 10.03
N LEU B 311 17.37 17.45 8.89
CA LEU B 311 16.47 18.58 8.65
C LEU B 311 15.46 18.17 7.58
N LYS B 312 14.18 18.13 7.95
CA LYS B 312 13.13 17.64 7.05
C LYS B 312 12.60 18.80 6.20
N ALA B 313 12.92 18.78 4.91
CA ALA B 313 12.63 19.89 4.01
C ALA B 313 11.63 19.49 2.93
N ALA B 314 10.72 20.40 2.63
CA ALA B 314 9.82 20.28 1.49
C ALA B 314 10.27 21.27 0.42
N TYR B 315 10.26 20.83 -0.83
CA TYR B 315 10.62 21.68 -1.97
C TYR B 315 9.40 21.86 -2.85
N SER B 316 9.06 23.12 -3.12
CA SER B 316 8.02 23.45 -4.08
C SER B 316 8.33 22.82 -5.43
N PHE B 317 7.37 22.11 -5.99
CA PHE B 317 7.52 21.42 -7.28
C PHE B 317 6.80 22.24 -8.34
N TYR B 318 5.62 21.81 -8.77
CA TYR B 318 4.82 22.54 -9.73
C TYR B 318 3.47 22.93 -9.10
N ASN B 319 3.13 24.21 -9.21
CA ASN B 319 1.91 24.74 -8.62
C ASN B 319 1.11 25.45 -9.71
N VAL B 320 -0.10 24.97 -9.95
CA VAL B 320 -0.93 25.43 -11.05
C VAL B 320 -2.22 25.98 -10.48
N HIS B 321 -2.59 27.18 -10.93
CA HIS B 321 -3.77 27.91 -10.46
C HIS B 321 -4.55 28.41 -11.67
N THR B 322 -5.87 28.15 -11.68
CA THR B 322 -6.75 28.72 -12.69
C THR B 322 -7.95 29.42 -12.04
N GLN B 323 -8.38 28.98 -10.86
CA GLN B 323 -9.48 29.65 -10.13
C GLN B 323 -9.10 30.10 -8.73
N THR B 324 -8.16 29.43 -8.07
CA THR B 324 -7.66 29.76 -6.74
C THR B 324 -6.43 30.67 -6.87
N PRO B 325 -6.35 31.76 -6.10
CA PRO B 325 -5.15 32.60 -6.15
C PRO B 325 -3.91 31.81 -5.75
N LEU B 326 -2.82 32.04 -6.50
CA LEU B 326 -1.56 31.37 -6.19
C LEU B 326 -1.15 31.59 -4.73
N LEU B 327 -1.28 32.83 -4.25
CA LEU B 327 -1.01 33.13 -2.85
C LEU B 327 -1.73 32.17 -1.90
N ASP B 328 -3.01 31.89 -2.16
CA ASP B 328 -3.78 31.00 -1.30
C ASP B 328 -3.32 29.55 -1.45
N LEU B 329 -3.10 29.13 -2.70
CA LEU B 329 -2.51 27.82 -2.96
C LEU B 329 -1.25 27.61 -2.15
N MET B 330 -0.29 28.55 -2.29
CA MET B 330 1.01 28.35 -1.66
C MET B 330 0.91 28.42 -0.14
N SER B 331 0.05 29.30 0.37
CA SER B 331 -0.21 29.34 1.80
C SER B 331 -0.73 27.99 2.30
N ASP B 332 -1.61 27.35 1.54
CA ASP B 332 -2.09 26.03 1.91
C ASP B 332 -0.97 24.99 1.84
N ALA B 333 -0.02 25.17 0.93
CA ALA B 333 1.10 24.26 0.83
C ALA B 333 1.97 24.36 2.08
N LEU B 334 2.22 25.59 2.55
CA LEU B 334 2.95 25.76 3.82
C LEU B 334 2.21 25.07 4.95
N VAL B 335 0.88 25.25 5.03
CA VAL B 335 0.10 24.61 6.08
C VAL B 335 0.23 23.10 6.02
N LEU B 336 0.08 22.53 4.82
CA LEU B 336 0.18 21.07 4.70
C LEU B 336 1.59 20.59 5.04
N ALA B 337 2.62 21.34 4.63
CA ALA B 337 3.99 20.99 5.00
C ALA B 337 4.19 21.05 6.51
N LYS B 338 3.71 22.11 7.16
CA LYS B 338 3.80 22.18 8.62
C LYS B 338 3.16 20.94 9.25
N MET B 339 1.92 20.64 8.84
CA MET B 339 1.21 19.48 9.34
C MET B 339 2.04 18.20 9.24
N LYS B 340 2.73 18.02 8.12
CA LYS B 340 3.37 16.75 7.83
C LYS B 340 4.74 16.59 8.48
N GLY B 341 5.14 17.52 9.33
CA GLY B 341 6.38 17.39 10.07
C GLY B 341 7.58 18.09 9.48
N PHE B 342 7.40 18.91 8.45
CA PHE B 342 8.52 19.53 7.77
C PHE B 342 9.07 20.68 8.60
N ASP B 343 10.39 20.78 8.66
CA ASP B 343 11.00 21.90 9.39
C ASP B 343 11.04 23.17 8.56
N VAL B 344 11.17 23.05 7.24
CA VAL B 344 11.36 24.19 6.36
C VAL B 344 10.67 23.88 5.03
N PHE B 345 10.34 24.93 4.29
CA PHE B 345 9.69 24.81 2.99
C PHE B 345 10.48 25.68 2.03
N ASN B 346 11.18 25.04 1.09
CA ASN B 346 12.02 25.73 0.13
C ASN B 346 11.31 25.89 -1.21
N ALA B 347 11.67 26.95 -1.92
CA ALA B 347 11.13 27.23 -3.24
C ALA B 347 12.13 28.10 -3.97
N LEU B 348 12.18 27.97 -5.29
CA LEU B 348 12.98 28.86 -6.12
C LEU B 348 12.14 30.06 -6.56
N ASP B 349 12.83 31.08 -7.06
CA ASP B 349 12.18 32.30 -7.54
C ASP B 349 11.77 32.21 -9.01
N LEU B 350 11.59 31.00 -9.56
CA LEU B 350 11.18 30.84 -10.96
C LEU B 350 9.66 30.87 -11.08
N MET B 351 9.19 30.68 -12.32
CA MET B 351 7.76 30.76 -12.71
C MET B 351 7.18 32.04 -12.07
N GLU B 352 6.07 31.97 -11.35
CA GLU B 352 5.51 33.14 -10.71
C GLU B 352 5.79 33.19 -9.23
N ASN B 353 6.83 32.48 -8.76
CA ASN B 353 7.02 32.34 -7.33
C ASN B 353 7.38 33.65 -6.67
N LYS B 354 7.99 34.58 -7.41
CA LYS B 354 8.35 35.86 -6.81
C LYS B 354 7.12 36.62 -6.31
N THR B 355 5.94 36.36 -6.89
CA THR B 355 4.72 37.05 -6.45
C THR B 355 4.26 36.64 -5.05
N PHE B 356 4.72 35.52 -4.52
CA PHE B 356 4.29 35.15 -3.17
C PHE B 356 5.44 34.97 -2.17
N LEU B 357 6.70 34.97 -2.62
CA LEU B 357 7.80 34.61 -1.73
C LEU B 357 7.85 35.53 -0.52
N GLU B 358 7.88 36.85 -0.76
CA GLU B 358 8.00 37.79 0.36
C GLU B 358 6.74 37.81 1.22
N LYS B 359 5.56 37.84 0.57
CA LYS B 359 4.31 37.90 1.33
C LYS B 359 4.15 36.71 2.26
N LEU B 360 4.57 35.54 1.82
CA LEU B 360 4.41 34.36 2.66
C LEU B 360 5.56 34.18 3.64
N LYS B 361 6.39 35.21 3.80
CA LYS B 361 7.51 35.23 4.74
C LYS B 361 8.60 34.21 4.40
N PHE B 362 8.83 33.93 3.12
CA PHE B 362 10.07 33.28 2.73
C PHE B 362 11.24 34.24 2.92
N GLY B 363 12.41 33.69 3.23
CA GLY B 363 13.65 34.45 3.28
C GLY B 363 14.61 33.97 2.20
N ILE B 364 15.32 34.92 1.59
CA ILE B 364 16.23 34.59 0.48
C ILE B 364 17.39 33.75 0.96
N GLY B 365 17.86 32.84 0.10
CA GLY B 365 18.93 31.93 0.43
C GLY B 365 20.28 32.40 -0.07
N ASP B 366 21.32 31.68 0.34
CA ASP B 366 22.69 32.01 -0.03
C ASP B 366 23.18 31.21 -1.23
N GLY B 367 22.34 30.35 -1.80
CA GLY B 367 22.74 29.51 -2.92
C GLY B 367 21.92 29.76 -4.17
N ASN B 368 22.60 30.08 -5.26
CA ASN B 368 21.92 30.20 -6.55
C ASN B 368 21.68 28.82 -7.15
N LEU B 369 20.90 28.81 -8.24
CA LEU B 369 20.75 27.62 -9.08
C LEU B 369 20.76 28.11 -10.52
N GLN B 370 21.83 27.81 -11.24
CA GLN B 370 21.95 28.16 -12.63
C GLN B 370 21.33 27.07 -13.48
N TYR B 371 20.56 27.46 -14.49
CA TYR B 371 20.00 26.53 -15.46
C TYR B 371 20.84 26.57 -16.73
N TYR B 372 21.09 25.39 -17.30
CA TYR B 372 22.00 25.22 -18.42
C TYR B 372 21.42 24.30 -19.49
N LEU B 373 21.75 24.60 -20.74
CA LEU B 373 21.44 23.73 -21.87
C LEU B 373 22.74 23.27 -22.52
N TYR B 374 22.77 22.02 -22.96
CA TYR B 374 23.94 21.45 -23.64
C TYR B 374 23.65 21.32 -25.13
N ASN B 375 24.55 21.86 -25.94
CA ASN B 375 24.41 21.83 -27.40
C ASN B 375 23.15 22.55 -27.85
N TRP B 376 22.84 23.69 -27.21
CA TRP B 376 21.75 24.53 -27.69
C TRP B 376 22.02 25.98 -27.35
N LYS B 377 22.17 26.81 -28.37
CA LYS B 377 22.37 28.25 -28.17
C LYS B 377 21.03 28.96 -28.27
N CYS B 378 20.62 29.62 -27.19
CA CYS B 378 19.44 30.47 -27.24
C CYS B 378 19.71 31.64 -26.32
N PRO B 379 18.96 32.74 -26.47
CA PRO B 379 19.05 33.87 -25.51
C PRO B 379 18.68 33.43 -24.11
N SER B 380 19.35 34.04 -23.14
CA SER B 380 19.07 33.79 -21.74
C SER B 380 17.69 34.36 -21.37
N MET B 381 17.24 34.04 -20.16
CA MET B 381 15.91 34.41 -19.76
C MET B 381 15.89 34.71 -18.28
N GLY B 382 14.91 35.53 -17.87
CA GLY B 382 14.74 35.80 -16.46
C GLY B 382 14.19 34.60 -15.73
N ALA B 383 14.40 34.60 -14.40
CA ALA B 383 13.96 33.48 -13.57
C ALA B 383 12.49 33.19 -13.79
N GLU B 384 11.67 34.23 -13.94
CA GLU B 384 10.22 34.08 -13.99
C GLU B 384 9.75 33.44 -15.28
N LYS B 385 10.61 33.28 -16.28
CA LYS B 385 10.30 32.54 -17.49
C LYS B 385 10.82 31.11 -17.45
N VAL B 386 11.55 30.74 -16.41
CA VAL B 386 12.01 29.36 -16.24
C VAL B 386 10.88 28.56 -15.62
N GLY B 387 10.39 27.55 -16.34
CA GLY B 387 9.31 26.71 -15.83
C GLY B 387 9.68 25.24 -15.69
N LEU B 388 10.91 24.96 -15.27
CA LEU B 388 11.39 23.60 -15.15
C LEU B 388 11.97 23.40 -13.76
N VAL B 389 11.53 22.34 -13.08
CA VAL B 389 11.98 22.06 -11.72
C VAL B 389 12.57 20.66 -11.72
N LEU B 390 13.87 20.56 -11.41
CA LEU B 390 14.56 19.28 -11.25
C LEU B 390 14.71 18.94 -9.78
N GLN B 391 14.81 17.65 -9.49
CA GLN B 391 14.91 17.16 -8.11
C GLN B 391 16.29 17.38 -7.52
C1 GOL C . -18.99 -21.82 4.49
O1 GOL C . -18.63 -22.95 5.26
C2 GOL C . -20.32 -22.10 3.73
O2 GOL C . -20.20 -21.96 2.32
C3 GOL C . -21.24 -21.01 4.32
O3 GOL C . -20.85 -20.88 5.67
C1 GOL D . -9.25 -11.89 -5.03
O1 GOL D . -8.87 -11.64 -3.70
C2 GOL D . -9.14 -10.55 -5.83
O2 GOL D . -9.82 -10.58 -7.02
C3 GOL D . -9.45 -9.33 -4.86
O3 GOL D . -10.60 -8.61 -5.32
S1 MYA E . -6.26 -18.74 8.28
C2 MYA E . -5.78 -19.63 9.72
C3 MYA E . -4.37 -19.22 10.08
N4 MYA E . -3.67 -20.10 10.99
C5 MYA E . -3.26 -19.60 12.15
O5 MYA E . -3.19 -18.39 12.33
C6 MYA E . -2.92 -20.60 13.24
C7 MYA E . -1.59 -20.24 13.90
N8 MYA E . -0.53 -20.13 12.93
C9 MYA E . 0.02 -21.19 12.33
O9 MYA E . -0.34 -22.34 12.53
C10 MYA E . 1.15 -20.87 11.38
O10 MYA E . 1.78 -19.68 11.88
C11 MYA E . 0.70 -20.69 9.93
C12 MYA E . 1.86 -20.15 9.11
C13 MYA E . -0.46 -19.70 9.78
C14 MYA E . 0.29 -22.05 9.43
N1A MYA E . -2.95 -17.79 5.22
O1A MYA E . 7.35 -19.89 7.39
P1A MYA E . 5.89 -20.15 7.14
C1X MYA E . 2.12 -17.19 4.44
C2A MYA E . -2.24 -17.80 4.08
O2A MYA E . 5.62 -21.65 7.13
P2A MYA E . 4.45 -20.27 9.59
C2M MYA E . -7.14 -19.85 7.41
O2M MYA E . -7.05 -20.98 7.75
C2X MYA E . 2.93 -15.93 4.64
O2X MYA E . 2.34 -14.83 3.95
N3A MYA E . -0.91 -17.63 4.04
O3A MYA E . 4.99 -19.47 8.30
C3M MYA E . -6.84 -19.68 5.95
C3X MYA E . 4.28 -16.32 4.08
O3X MYA E . 4.24 -16.13 2.66
P3X MYA E . 4.88 -14.83 1.94
C4A MYA E . -0.22 -17.43 5.19
O4A MYA E . 5.43 -21.33 10.04
C4M MYA E . -5.69 -20.48 5.35
C4X MYA E . 4.38 -17.80 4.40
O4X MYA E . 3.05 -18.29 4.61
C5A MYA E . -0.93 -17.40 6.48
O5A MYA E . 4.20 -19.26 10.70
C5M MYA E . -5.67 -20.24 3.84
C5X MYA E . 5.18 -18.06 5.67
O5X MYA E . 5.42 -19.46 5.76
C6A MYA E . -2.40 -17.59 6.44
N6A MYA E . -3.16 -17.58 7.57
O6A MYA E . 3.03 -20.97 9.29
C6M MYA E . -4.32 -20.54 3.15
N7A MYA E . 0.00 -17.18 7.43
O7A MYA E . 4.23 -14.64 0.58
C7M MYA E . -4.21 -20.19 1.64
C8A MYA E . 1.20 -17.09 6.79
O8A MYA E . 6.38 -15.05 1.83
C8M MYA E . -5.02 -21.11 0.69
N9A MYA E . 1.06 -17.24 5.46
O9A MYA E . 4.56 -13.62 2.80
C9M MYA E . -4.87 -20.76 -0.80
CAM MYA E . -5.85 -21.51 -1.72
CBM MYA E . -5.43 -22.95 -1.97
CCM MYA E . -6.49 -23.77 -2.72
CDM MYA E . -6.62 -23.45 -4.21
CEM MYA E . -7.44 -24.51 -4.96
CFM MYA E . -7.73 -24.11 -6.40
N GLY F . -8.55 -19.48 7.57
N GLY F . -8.43 -19.51 7.48
CA GLY F . -9.04 -19.68 8.90
CA GLY F . -8.87 -19.74 8.87
C GLY F . -9.53 -18.37 9.48
C GLY F . -9.43 -18.47 9.47
O GLY F . -9.18 -17.28 9.00
O GLY F . -9.15 -17.38 8.93
N SER G . -10.34 -18.50 10.54
N SER G . -10.23 -18.60 10.53
CA SER G . -10.82 -17.34 11.25
CA SER G . -10.83 -17.48 11.28
C SER G . -9.70 -16.75 12.12
C SER G . -9.75 -16.76 12.10
O SER G . -8.65 -17.36 12.33
O SER G . -8.71 -17.37 12.38
CB SER G . -12.03 -17.71 12.10
CB SER G . -11.98 -17.94 12.14
OG SER G . -13.10 -18.13 11.25
OG SER G . -13.10 -18.29 11.33
N ASN H . -9.96 -15.53 12.60
N ASN H . -9.99 -15.49 12.46
CA ASN H . -9.01 -14.78 13.42
CA ASN H . -9.03 -14.72 13.29
C ASN H . -9.61 -14.62 14.80
C ASN H . -9.62 -14.60 14.71
O ASN H . -10.84 -14.53 14.96
O ASN H . -10.84 -14.64 14.83
CB ASN H . -8.72 -13.41 12.77
CB ASN H . -8.73 -13.36 12.65
CG ASN H . -7.68 -12.62 13.53
CG ASN H . -7.71 -12.54 13.41
OD1 ASN H . -6.98 -13.14 14.38
OD1 ASN H . -6.96 -13.08 14.23
ND2 ASN H . -7.57 -11.32 13.20
ND2 ASN H . -7.66 -11.25 13.16
N LYS I . -8.76 -14.62 15.83
N LYS I . -8.76 -14.56 15.72
CA LYS I . -9.26 -14.38 17.18
CA LYS I . -9.22 -14.42 17.12
C LYS I . -9.16 -12.89 17.47
C LYS I . -9.23 -12.92 17.46
O LYS I . -8.09 -12.29 17.29
O LYS I . -8.17 -12.29 17.30
CB LYS I . -8.48 -15.21 18.20
CB LYS I . -8.34 -15.21 18.09
CG LYS I . -9.19 -15.39 19.55
CG LYS I . -9.02 -15.58 19.40
CD LYS I . -10.52 -16.16 19.37
CD LYS I . -10.30 -16.36 19.20
CE LYS I . -11.62 -15.71 20.35
CE LYS I . -11.32 -16.12 20.30
NZ LYS I . -12.20 -14.35 20.08
NZ LYS I . -11.85 -14.74 20.27
N SER J . -10.27 -12.36 17.94
N SER J . -10.37 -12.40 17.90
CA SER J . -10.47 -10.94 18.20
CA SER J . -10.56 -10.95 18.19
C SER J . -11.04 -10.75 19.60
C SER J . -11.12 -10.74 19.61
O SER J . -11.61 -11.67 20.19
O SER J . -11.68 -11.69 20.16
CB SER J . -11.42 -10.31 17.16
CB SER J . -11.45 -10.31 17.16
OG SER J . -11.89 -9.03 17.55
OG SER J . -11.96 -9.07 17.64
N LYS K . -10.88 -9.54 20.13
N LYS K . -10.83 -9.59 20.21
CA LYS K . -11.43 -9.17 21.42
CA LYS K . -11.39 -9.19 21.52
C LYS K . -11.70 -7.67 21.38
C LYS K . -11.75 -7.70 21.45
O LYS K . -11.09 -6.96 20.59
O LYS K . -11.21 -7.01 20.56
CB LYS K . -10.51 -9.54 22.58
CB LYS K . -10.45 -9.54 22.68
CG LYS K . -9.14 -8.88 22.55
CG LYS K . -9.07 -8.91 22.63
CD LYS K . -8.31 -9.34 23.74
CD LYS K . -8.19 -9.33 23.79
CE LYS K . -6.92 -8.73 23.74
CE LYS K . -6.78 -8.76 23.72
NZ LYS K . -6.10 -9.24 22.60
NZ LYS K . -6.04 -9.28 22.55
N PRO L . -12.61 -7.20 22.25
N PRO L . -12.62 -7.16 22.33
CA PRO L . -12.98 -5.78 22.29
CA PRO L . -13.01 -5.76 22.24
C PRO L . -11.77 -4.85 22.37
C PRO L . -11.79 -4.84 22.35
O PRO L . -10.89 -5.04 23.21
O PRO L . -10.95 -5.07 23.19
CB PRO L . -13.81 -5.67 23.56
CB PRO L . -13.94 -5.56 23.45
CG PRO L . -14.39 -7.03 23.73
CG PRO L . -14.44 -6.96 23.74
CD PRO L . -13.33 -7.98 23.24
CD PRO L . -13.29 -7.88 23.41
N LYS M . -11.73 -3.87 21.49
N LYS M . -11.74 -3.82 21.49
CA LYS M . -10.65 -2.91 21.45
CA LYS M . -10.64 -2.83 21.45
C LYS M . -10.82 -1.88 22.55
C LYS M . -10.90 -1.76 22.52
O LYS M . -11.86 -1.24 22.64
O LYS M . -11.92 -1.10 22.44
CB LYS M . -10.62 -2.20 20.09
CB LYS M . -10.57 -2.19 20.06
CG LYS M . -9.41 -1.31 19.86
CG LYS M . -9.44 -1.21 19.84
CD LYS M . -9.63 -0.37 18.70
CD LYS M . -9.61 -0.41 18.57
CE LYS M . -10.08 -1.11 17.46
CE LYS M . -10.06 -1.25 17.40
NZ LYS M . -10.34 -0.16 16.35
NZ LYS M . -10.40 -0.42 16.23
OXT LYS M . -9.94 -1.66 23.38
OXT LYS M . -10.05 -1.64 23.41
C1 MYR N . -7.39 -20.16 6.95
O1 MYR N . -6.69 -20.99 7.56
C2 MYR N . -7.05 -19.84 5.51
C3 MYR N . -5.81 -20.47 4.96
C4 MYR N . -5.59 -20.14 3.50
C5 MYR N . -4.29 -20.60 2.92
C6 MYR N . -4.12 -20.31 1.45
C7 MYR N . -5.04 -21.09 0.56
C8 MYR N . -4.89 -20.76 -0.91
C9 MYR N . -5.80 -21.54 -1.83
C10 MYR N . -5.51 -23.02 -1.88
C11 MYR N . -6.50 -23.82 -2.68
C12 MYR N . -6.55 -23.50 -4.15
C13 MYR N . -7.50 -24.38 -4.95
C14 MYR N . -7.57 -24.06 -6.42
N1A COA O . -3.03 -17.80 5.14
C2A COA O . -2.32 -17.82 4.00
N3A COA O . -0.99 -17.65 3.96
C4A COA O . -0.28 -17.44 5.09
C5A COA O . -0.99 -17.40 6.37
C6A COA O . -2.45 -17.60 6.34
N6A COA O . -3.18 -17.58 7.49
N7A COA O . -0.06 -17.18 7.32
C8A COA O . 1.14 -17.09 6.69
N9A COA O . 1.00 -17.24 5.35
C1B COA O . 2.09 -17.20 4.36
C2B COA O . 2.90 -15.93 4.57
O2B COA O . 2.33 -14.86 3.84
C3B COA O . 4.27 -16.33 4.05
O3B COA O . 4.26 -16.19 2.64
P3B COA O . 4.85 -14.88 1.92
O7A COA O . 6.33 -15.05 1.75
O8A COA O . 4.18 -14.69 0.60
O9A COA O . 4.57 -13.69 2.81
C4B COA O . 4.34 -17.81 4.38
O4B COA O . 3.01 -18.27 4.57
C5B COA O . 5.16 -18.08 5.63
O5B COA O . 5.42 -19.48 5.74
P1A COA O . 5.83 -20.13 7.14
O1A COA O . 7.29 -19.86 7.41
O2A COA O . 5.57 -21.61 7.12
O3A COA O . 4.94 -19.46 8.28
P2A COA O . 4.52 -20.27 9.60
O4A COA O . 5.56 -21.30 9.92
O5A COA O . 4.39 -19.28 10.73
O6A COA O . 3.10 -20.99 9.41
CBP COA O . 0.76 -20.77 9.93
CCP COA O . 1.94 -20.23 9.13
CDP COA O . -0.37 -19.77 9.89
CEP COA O . 0.29 -22.10 9.35
CAP COA O . 1.21 -21.00 11.36
OAP COA O . 1.88 -19.84 11.84
C9P COA O . 0.04 -21.26 12.26
O9P COA O . -0.30 -22.40 12.54
N8P COA O . -0.57 -20.18 12.73
C7P COA O . -1.46 -20.24 13.87
C6P COA O . -2.89 -20.54 13.44
C5P COA O . -3.28 -19.67 12.27
O5P COA O . -3.06 -18.48 12.25
N4P COA O . -3.92 -20.28 11.29
C3P COA O . -4.21 -19.59 10.05
C2P COA O . -5.69 -19.26 9.93
S1P COA O . -5.88 -18.16 8.51
C1 GOL P . 22.73 30.15 -22.83
O1 GOL P . 21.75 31.15 -23.06
C2 GOL P . 22.19 28.79 -23.42
O2 GOL P . 22.10 28.79 -24.80
C3 GOL P . 23.18 27.69 -22.91
O3 GOL P . 22.83 27.35 -21.60
C1 GOL Q . 11.38 16.06 -13.76
O1 GOL Q . 12.75 16.47 -13.64
C2 GOL Q . 10.47 17.19 -14.45
O2 GOL Q . 10.40 18.37 -13.71
C3 GOL Q . 11.08 17.46 -15.86
O3 GOL Q . 10.74 16.43 -16.73
N1A COA R . 28.73 20.69 -12.97
C2A COA R . 29.41 20.65 -14.12
N3A COA R . 30.74 20.75 -14.19
C4A COA R . 31.48 20.90 -13.08
C5A COA R . 30.82 20.97 -11.77
C6A COA R . 29.35 20.85 -11.78
N6A COA R . 28.65 20.89 -10.62
N7A COA R . 31.78 21.13 -10.85
C8A COA R . 32.96 21.16 -11.51
N9A COA R . 32.77 21.03 -12.83
C1B COA R . 33.82 21.03 -13.86
C2B COA R . 34.70 22.23 -13.59
O2B COA R . 34.21 23.40 -14.26
C3B COA R . 36.03 21.76 -14.12
O3B COA R . 36.00 21.95 -15.52
P3B COA R . 36.63 23.31 -16.05
O7A COA R . 38.12 23.13 -16.12
O8A COA R . 36.05 23.62 -17.40
O9A COA R . 36.28 24.38 -15.07
C4B COA R . 36.03 20.29 -13.84
O4B COA R . 34.66 19.89 -13.72
C5B COA R . 36.75 19.97 -12.54
O5B COA R . 36.96 18.58 -12.48
P1A COA R . 37.30 17.86 -11.09
O1A COA R . 38.51 18.49 -10.48
O2A COA R . 37.53 16.40 -11.35
O3A COA R . 36.05 18.06 -10.11
P2A COA R . 35.81 17.06 -8.89
O4A COA R . 36.48 15.74 -9.11
O5A COA R . 36.28 17.67 -7.60
O6A COA R . 34.24 16.78 -8.81
CBP COA R . 32.03 17.44 -8.32
CCP COA R . 33.30 17.80 -9.07
CDP COA R . 31.12 18.66 -8.26
CEP COA R . 31.34 16.29 -9.02
CAP COA R . 32.42 17.00 -6.92
OAP COA R . 33.08 18.08 -6.25
C9P COA R . 31.22 16.58 -6.14
O9P COA R . 30.86 15.41 -6.17
N8P COA R . 30.60 17.51 -5.44
C7P COA R . 29.51 17.20 -4.53
C6P COA R . 28.20 16.97 -5.30
C5P COA R . 27.98 18.08 -6.30
O5P COA R . 28.36 19.20 -6.07
N4P COA R . 27.33 17.73 -7.41
C3P COA R . 27.40 18.51 -8.64
C2P COA R . 26.10 19.23 -8.96
S1P COA R . 26.25 20.03 -10.58
C1 MYR S . 23.94 18.21 -11.72
O1 MYR S . 24.27 17.09 -11.29
C2 MYR S . 24.46 18.70 -13.04
C3 MYR S . 25.68 17.94 -13.57
C4 MYR S . 25.90 18.38 -15.02
C5 MYR S . 27.18 17.89 -15.67
C6 MYR S . 27.27 18.38 -17.11
C7 MYR S . 26.37 17.55 -18.04
C8 MYR S . 26.37 18.11 -19.47
C9 MYR S . 25.44 17.35 -20.43
C10 MYR S . 25.70 15.84 -20.47
C11 MYR S . 24.76 15.08 -21.42
C12 MYR S . 24.71 15.64 -22.85
C13 MYR S . 23.82 14.73 -23.72
C14 MYR S . 23.67 15.21 -25.15
N GLY T . 23.12 19.03 -11.07
CA GLY T . 22.55 18.67 -9.79
C GLY T . 21.98 19.90 -9.10
O GLY T . 22.22 21.05 -9.51
N SER U . 21.20 19.67 -8.04
CA SER U . 20.65 20.72 -7.19
C SER U . 21.77 21.41 -6.39
O SER U . 22.93 21.01 -6.41
CB SER U . 19.58 20.16 -6.26
OG SER U . 18.56 19.53 -7.02
N ASN V . 21.42 22.50 -5.73
CA ASN V . 22.34 23.19 -4.83
C ASN V . 21.74 23.21 -3.43
O ASN V . 20.52 23.25 -3.27
CB ASN V . 22.64 24.60 -5.31
CG ASN V . 23.77 25.24 -4.52
OD1 ASN V . 24.49 24.56 -3.78
ND2 ASN V . 23.91 26.56 -4.66
N LYS W . 22.61 23.16 -2.43
CA LYS W . 22.18 23.18 -1.03
C LYS W . 22.24 24.61 -0.52
O LYS W . 23.33 25.20 -0.44
CB LYS W . 23.05 22.25 -0.16
CG LYS W . 22.52 22.07 1.26
CD LYS W . 21.24 21.23 1.31
CE LYS W . 20.23 21.73 2.35
NZ LYS W . 19.46 22.94 1.88
N SER X . 21.09 25.18 -0.20
CA SER X . 21.10 26.56 0.26
C SER X . 20.54 26.64 1.67
O SER X . 19.85 25.75 2.15
CB SER X . 20.29 27.45 -0.70
OG SER X . 19.87 28.67 -0.08
N LYS Y . 20.82 27.79 2.29
CA LYS Y . 20.33 28.14 3.62
C LYS Y . 20.05 29.62 3.63
O LYS Y . 20.54 30.36 2.77
CB LYS Y . 21.33 27.74 4.71
CG LYS Y . 22.71 28.42 4.63
CD LYS Y . 23.65 27.85 5.68
CE LYS Y . 24.99 28.55 5.66
NZ LYS Y . 25.74 28.28 4.40
N PRO Z . 19.23 30.11 4.58
CA PRO Z . 18.88 31.54 4.61
C PRO Z . 20.11 32.43 4.62
O PRO Z . 21.06 32.21 5.39
CB PRO Z . 18.08 31.66 5.91
CG PRO Z . 17.48 30.32 6.12
CD PRO Z . 18.52 29.35 5.63
N LYS AA . 20.09 33.43 3.75
CA LYS AA . 21.18 34.41 3.66
C LYS AA . 21.39 35.07 5.02
O LYS AA . 20.45 35.28 5.79
CB LYS AA . 20.87 35.48 2.60
CG LYS AA . 22.08 36.34 2.28
CD LYS AA . 21.73 37.55 1.41
CE LYS AA . 22.99 38.44 1.24
NZ LYS AA . 22.71 39.75 0.59
OXT LYS AA . 22.52 35.41 5.38
#